data_4ASS
#
_entry.id   4ASS
#
_cell.length_a   87.561
_cell.length_b   162.352
_cell.length_c   285.394
_cell.angle_alpha   90.00
_cell.angle_beta   90.00
_cell.angle_gamma   90.00
#
_symmetry.space_group_name_H-M   'I 2 2 2'
#
loop_
_entity.id
_entity.type
_entity.pdbx_description
1 polymer 'TUBR FROM BACILLUS THURINGIENSIS PBTOXIS'
2 polymer 'TUBC FROM BACILLUS THURINGIENSIS PBTOXIS 26 BP'
3 polymer 'TUBC FROM BACILLUS THURINGIENSIS PBTOXIS 26 BP'
#
loop_
_entity_poly.entity_id
_entity_poly.type
_entity_poly.pdbx_seq_one_letter_code
_entity_poly.pdbx_strand_id
1 'polypeptide(L)'
;(MSE)NRDHFYTLNIAEIAERIGNDDCAYQVL(MSE)AFINENGEAQ(MSE)LNKTAVAE(MSE)IQLSKPTVFATVNSF
YCAGYIDETRVGRSKIYTLSDLGVEIVECFKQKA(MSE)E(MSE)RNL
;
A,B,C,D,E,F,G,H,I
2 'polydeoxyribonucleotide'
;(DC)(DT)(DT)(DT)(DA)(DA)(DG)(DT)(DT)(DT)(DA)(DA)(DC)(DT)(DT)(DT)(DC)(DA)(DG)(DT)
(DT)(DT)(DA)(DC)(DA)(DT)
;
Y
3 'polydeoxyribonucleotide'
;(DA)(DT)(DG)(DT)(DA)(DA)(DA)(DC)(DT)(DG)(DA)(DA)(DA)(DG)(DT)(DT)(DA)(DA)(DA)(DC)
(DT)(DT)(DA)(DA)(DA)(DG)
;
Z
#
loop_
_chem_comp.id
_chem_comp.type
_chem_comp.name
_chem_comp.formula
DA DNA linking 2'-DEOXYADENOSINE-5'-MONOPHOSPHATE 'C10 H14 N5 O6 P'
DC DNA linking 2'-DEOXYCYTIDINE-5'-MONOPHOSPHATE 'C9 H14 N3 O7 P'
DG DNA linking 2'-DEOXYGUANOSINE-5'-MONOPHOSPHATE 'C10 H14 N5 O7 P'
DT DNA linking THYMIDINE-5'-MONOPHOSPHATE 'C10 H15 N2 O8 P'
#
# COMPACT_ATOMS: atom_id res chain seq x y z
N PHE A 6 -47.23 65.27 -15.52
CA PHE A 6 -45.91 64.62 -15.78
C PHE A 6 -45.88 63.14 -15.42
N TYR A 7 -46.49 62.78 -14.29
CA TYR A 7 -46.38 61.40 -13.77
C TYR A 7 -47.70 60.86 -13.23
N THR A 8 -48.08 59.67 -13.67
CA THR A 8 -49.34 59.07 -13.25
C THR A 8 -49.17 58.26 -11.96
N LEU A 9 -50.21 58.27 -11.14
CA LEU A 9 -50.14 57.75 -9.79
C LEU A 9 -51.29 56.80 -9.53
N ASN A 10 -50.97 55.64 -8.98
CA ASN A 10 -51.98 54.68 -8.58
C ASN A 10 -52.33 54.89 -7.11
N ILE A 11 -53.58 55.30 -6.86
CA ILE A 11 -54.00 55.68 -5.51
C ILE A 11 -54.12 54.47 -4.55
N ALA A 12 -54.32 53.29 -5.12
CA ALA A 12 -54.42 52.06 -4.34
C ALA A 12 -53.08 51.65 -3.69
N GLU A 13 -51.98 51.73 -4.45
CA GLU A 13 -50.65 51.44 -3.92
C GLU A 13 -50.29 52.37 -2.76
N ILE A 14 -50.53 53.66 -2.95
CA ILE A 14 -50.26 54.66 -1.92
C ILE A 14 -50.99 54.30 -0.63
N ALA A 15 -52.31 54.18 -0.71
CA ALA A 15 -53.13 53.74 0.43
C ALA A 15 -52.62 52.44 1.06
N GLU A 16 -52.27 51.46 0.23
CA GLU A 16 -51.60 50.24 0.69
C GLU A 16 -50.33 50.53 1.52
N ARG A 17 -49.49 51.44 1.02
CA ARG A 17 -48.26 51.80 1.72
C ARG A 17 -48.54 52.47 3.07
N ILE A 18 -49.45 53.45 3.05
CA ILE A 18 -49.83 54.20 4.24
C ILE A 18 -50.41 53.29 5.33
N GLY A 19 -51.26 52.36 4.91
CA GLY A 19 -51.86 51.36 5.80
C GLY A 19 -50.86 50.46 6.50
N ASN A 20 -49.63 50.41 5.98
CA ASN A 20 -48.60 49.60 6.61
C ASN A 20 -47.65 50.42 7.46
N ASP A 21 -48.09 51.60 7.89
CA ASP A 21 -47.25 52.57 8.57
C ASP A 21 -48.12 53.42 9.50
N ASP A 22 -48.06 53.09 10.79
CA ASP A 22 -48.95 53.66 11.81
C ASP A 22 -48.99 55.18 11.81
N CYS A 23 -47.82 55.80 11.69
CA CYS A 23 -47.73 57.25 11.79
C CYS A 23 -48.39 57.92 10.61
N ALA A 24 -47.99 57.53 9.39
CA ALA A 24 -48.59 58.09 8.17
C ALA A 24 -50.10 58.00 8.27
N TYR A 25 -50.58 56.81 8.63
CA TYR A 25 -52.00 56.49 8.67
C TYR A 25 -52.77 57.44 9.60
N GLN A 26 -52.30 57.57 10.84
CA GLN A 26 -52.93 58.45 11.82
C GLN A 26 -52.80 59.93 11.51
N VAL A 27 -51.67 60.34 10.91
CA VAL A 27 -51.49 61.72 10.48
C VAL A 27 -52.56 62.05 9.45
N LEU A 28 -52.85 61.10 8.58
CA LEU A 28 -53.84 61.28 7.50
C LEU A 28 -55.25 61.37 8.05
N MSE A 29 -55.57 60.48 8.99
CA MSE A 29 -56.90 60.33 9.50
C MSE A 29 -57.24 61.43 10.49
O MSE A 29 -58.41 61.74 10.68
CB MSE A 29 -57.07 58.94 10.14
CG MSE A 29 -57.10 57.79 9.13
SE MSE A 29 -58.12 58.16 7.69
CE MSE A 29 -58.31 56.58 6.90
N ALA A 30 -56.22 62.01 11.10
CA ALA A 30 -56.43 63.13 12.02
C ALA A 30 -57.27 64.22 11.36
N PHE A 31 -57.07 64.44 10.06
CA PHE A 31 -57.83 65.47 9.36
C PHE A 31 -59.30 65.15 9.15
N ILE A 32 -59.69 63.89 9.36
CA ILE A 32 -61.11 63.48 9.29
C ILE A 32 -61.73 63.53 10.68
N ASN A 33 -62.82 64.30 10.81
CA ASN A 33 -63.41 64.59 12.11
C ASN A 33 -64.46 63.57 12.57
N GLU A 34 -65.09 63.85 13.72
CA GLU A 34 -66.06 62.96 14.33
C GLU A 34 -67.22 62.58 13.40
N ASN A 35 -67.65 63.52 12.55
CA ASN A 35 -68.76 63.29 11.61
C ASN A 35 -68.34 62.86 10.19
N GLY A 36 -67.07 62.50 10.02
CA GLY A 36 -66.56 62.05 8.72
C GLY A 36 -66.09 63.16 7.80
N GLU A 37 -66.22 64.40 8.27
CA GLU A 37 -65.88 65.58 7.48
C GLU A 37 -64.40 65.93 7.61
N ALA A 38 -63.79 66.30 6.49
CA ALA A 38 -62.42 66.82 6.50
C ALA A 38 -62.35 68.15 7.22
N GLN A 39 -61.26 68.36 7.96
CA GLN A 39 -61.11 69.57 8.78
C GLN A 39 -59.71 70.16 8.64
N MSE A 40 -59.57 71.39 9.07
CA MSE A 40 -58.31 72.12 9.13
C MSE A 40 -57.58 71.85 10.45
O MSE A 40 -58.21 71.71 11.49
CB MSE A 40 -58.63 73.61 8.99
CG MSE A 40 -57.72 74.62 9.67
SE MSE A 40 -58.60 76.21 9.74
CE MSE A 40 -59.09 76.38 8.00
N LEU A 41 -56.25 71.76 10.40
CA LEU A 41 -55.46 71.56 11.61
C LEU A 41 -54.09 72.24 11.49
N ASN A 42 -53.63 72.87 12.57
CA ASN A 42 -52.23 73.25 12.64
C ASN A 42 -51.36 72.04 13.03
N LYS A 43 -50.06 72.12 12.80
CA LYS A 43 -49.12 71.03 13.16
C LYS A 43 -49.24 70.52 14.60
N THR A 44 -49.45 71.44 15.55
CA THR A 44 -49.53 71.10 16.97
C THR A 44 -50.76 70.24 17.29
N ALA A 45 -51.90 70.64 16.71
CA ALA A 45 -53.14 69.89 16.83
C ALA A 45 -52.91 68.42 16.46
N VAL A 46 -52.29 68.18 15.31
CA VAL A 46 -52.06 66.83 14.83
C VAL A 46 -51.22 66.04 15.83
N ALA A 47 -50.09 66.61 16.24
CA ALA A 47 -49.19 65.92 17.19
C ALA A 47 -49.86 65.64 18.52
N GLU A 48 -50.77 66.52 18.93
CA GLU A 48 -51.51 66.36 20.19
C GLU A 48 -52.56 65.26 20.05
N MSE A 49 -53.22 65.23 18.88
CA MSE A 49 -54.28 64.28 18.54
C MSE A 49 -53.83 62.83 18.45
O MSE A 49 -54.54 61.92 18.88
CB MSE A 49 -54.93 64.68 17.22
CG MSE A 49 -55.91 65.86 17.30
SE MSE A 49 -56.56 66.34 15.68
CE MSE A 49 -57.62 64.92 15.31
N ILE A 50 -52.65 62.58 17.88
CA ILE A 50 -52.16 61.22 17.79
C ILE A 50 -51.03 61.00 18.79
N GLN A 51 -50.88 59.79 19.29
CA GLN A 51 -49.85 59.60 20.31
C GLN A 51 -48.47 59.23 19.84
N LEU A 52 -47.89 60.17 19.10
CA LEU A 52 -46.54 60.10 18.61
C LEU A 52 -45.88 61.47 18.87
N SER A 53 -44.56 61.47 18.92
CA SER A 53 -43.78 62.67 19.25
C SER A 53 -43.91 63.75 18.19
N LYS A 54 -43.75 65.01 18.59
CA LYS A 54 -43.76 66.12 17.65
C LYS A 54 -42.85 65.90 16.44
N PRO A 55 -41.55 65.58 16.68
CA PRO A 55 -40.64 65.36 15.55
C PRO A 55 -41.18 64.38 14.49
N THR A 56 -41.67 63.24 14.94
CA THR A 56 -42.27 62.25 14.03
C THR A 56 -43.46 62.84 13.27
N VAL A 57 -44.42 63.36 14.01
CA VAL A 57 -45.62 63.89 13.40
C VAL A 57 -45.34 65.06 12.46
N PHE A 58 -44.51 66.01 12.89
CA PHE A 58 -44.21 67.19 12.08
C PHE A 58 -43.53 66.81 10.78
N ALA A 59 -42.53 65.94 10.86
CA ALA A 59 -41.80 65.50 9.65
C ALA A 59 -42.73 64.81 8.66
N THR A 60 -43.67 64.04 9.20
CA THR A 60 -44.68 63.35 8.40
C THR A 60 -45.62 64.35 7.71
N VAL A 61 -46.09 65.34 8.47
CA VAL A 61 -46.91 66.44 7.94
C VAL A 61 -46.20 67.15 6.80
N ASN A 62 -44.95 67.56 7.06
CA ASN A 62 -44.11 68.17 6.03
C ASN A 62 -44.00 67.34 4.77
N SER A 63 -43.65 66.06 4.91
CA SER A 63 -43.50 65.20 3.72
C SER A 63 -44.82 65.00 2.97
N PHE A 64 -45.92 64.86 3.73
CA PHE A 64 -47.26 64.75 3.13
C PHE A 64 -47.72 65.98 2.35
N TYR A 65 -47.27 67.16 2.78
CA TYR A 65 -47.46 68.36 1.98
C TYR A 65 -46.57 68.34 0.73
N CYS A 66 -45.35 67.81 0.85
CA CYS A 66 -44.48 67.67 -0.32
C CYS A 66 -45.10 66.75 -1.36
N ALA A 67 -45.60 65.61 -0.88
CA ALA A 67 -46.27 64.61 -1.69
C ALA A 67 -47.55 65.14 -2.33
N GLY A 68 -48.10 66.22 -1.77
CA GLY A 68 -49.33 66.81 -2.28
C GLY A 68 -50.57 66.17 -1.68
N TYR A 69 -50.40 65.49 -0.56
CA TYR A 69 -51.52 64.83 0.12
C TYR A 69 -52.26 65.79 1.01
N ILE A 70 -51.54 66.74 1.60
CA ILE A 70 -52.15 67.80 2.39
C ILE A 70 -51.78 69.17 1.82
N ASP A 71 -52.67 70.15 2.00
CA ASP A 71 -52.42 71.51 1.55
C ASP A 71 -51.94 72.39 2.70
N GLU A 72 -51.16 73.41 2.37
CA GLU A 72 -50.69 74.36 3.36
C GLU A 72 -51.26 75.70 3.01
N THR A 73 -51.74 76.41 4.00
CA THR A 73 -52.21 77.76 3.76
C THR A 73 -51.80 78.67 4.91
N ARG A 74 -51.28 79.83 4.57
CA ARG A 74 -50.82 80.77 5.56
C ARG A 74 -52.04 81.42 6.21
N VAL A 75 -51.94 81.58 7.53
CA VAL A 75 -53.06 81.95 8.38
C VAL A 75 -52.43 82.51 9.66
N GLY A 76 -52.71 83.78 9.98
CA GLY A 76 -51.91 84.54 10.96
C GLY A 76 -50.51 84.64 10.39
N ARG A 77 -49.49 84.40 11.20
CA ARG A 77 -48.12 84.20 10.68
C ARG A 77 -47.68 82.75 10.78
N SER A 78 -48.68 81.88 10.93
CA SER A 78 -48.43 80.45 10.85
C SER A 78 -49.20 79.80 9.71
N LYS A 79 -49.24 78.48 9.74
CA LYS A 79 -49.76 77.70 8.63
C LYS A 79 -50.83 76.74 9.10
N ILE A 80 -51.72 76.39 8.19
CA ILE A 80 -52.68 75.30 8.46
C ILE A 80 -52.78 74.30 7.33
N TYR A 81 -53.16 73.09 7.73
CA TYR A 81 -53.16 71.95 6.85
C TYR A 81 -54.56 71.39 6.67
N THR A 82 -54.90 71.09 5.42
CA THR A 82 -56.14 70.41 5.04
C THR A 82 -55.75 69.33 4.03
N LEU A 83 -56.56 68.28 3.92
CA LEU A 83 -56.30 67.28 2.90
C LEU A 83 -56.53 67.92 1.53
N SER A 84 -55.66 67.61 0.58
CA SER A 84 -55.90 67.96 -0.82
C SER A 84 -56.96 67.00 -1.38
N ASP A 85 -57.32 67.18 -2.65
CA ASP A 85 -58.25 66.28 -3.31
C ASP A 85 -57.66 64.87 -3.38
N LEU A 86 -56.34 64.83 -3.55
CA LEU A 86 -55.58 63.58 -3.52
C LEU A 86 -55.70 62.94 -2.13
N GLY A 87 -55.56 63.77 -1.09
CA GLY A 87 -55.70 63.34 0.30
C GLY A 87 -57.06 62.72 0.55
N VAL A 88 -58.12 63.43 0.17
CA VAL A 88 -59.48 62.93 0.31
C VAL A 88 -59.68 61.58 -0.42
N GLU A 89 -59.12 61.45 -1.62
CA GLU A 89 -59.25 60.22 -2.39
C GLU A 89 -58.59 59.02 -1.72
N ILE A 90 -57.40 59.24 -1.14
CA ILE A 90 -56.70 58.24 -0.33
C ILE A 90 -57.53 57.82 0.90
N VAL A 91 -58.08 58.80 1.62
CA VAL A 91 -58.97 58.53 2.75
C VAL A 91 -60.18 57.66 2.36
N GLU A 92 -60.70 57.86 1.15
CA GLU A 92 -61.83 57.08 0.64
C GLU A 92 -61.55 55.58 0.50
N CYS A 93 -60.33 55.22 0.11
CA CYS A 93 -59.96 53.82 -0.01
C CYS A 93 -60.05 53.13 1.33
N PHE A 94 -59.63 53.83 2.37
CA PHE A 94 -59.67 53.32 3.73
C PHE A 94 -61.09 53.15 4.27
N LYS A 95 -61.90 54.19 4.08
CA LYS A 95 -63.32 54.15 4.43
C LYS A 95 -64.04 52.94 3.83
N GLN A 96 -63.68 52.61 2.59
CA GLN A 96 -64.27 51.47 1.87
C GLN A 96 -63.86 50.12 2.46
N LYS A 97 -62.59 50.02 2.87
CA LYS A 97 -62.10 48.85 3.61
C LYS A 97 -62.95 48.64 4.86
N ALA A 98 -63.08 49.69 5.66
CA ALA A 98 -63.82 49.65 6.93
C ALA A 98 -65.34 49.71 6.75
N PHE B 6 -54.42 56.42 -11.86
CA PHE B 6 -55.56 57.10 -11.17
C PHE B 6 -55.39 58.62 -11.08
N TYR B 7 -54.18 59.09 -10.79
CA TYR B 7 -53.97 60.51 -10.52
C TYR B 7 -52.68 61.04 -11.16
N THR B 8 -52.80 62.15 -11.88
CA THR B 8 -51.64 62.73 -12.55
C THR B 8 -50.89 63.70 -11.64
N LEU B 9 -49.57 63.75 -11.82
CA LEU B 9 -48.69 64.43 -10.90
C LEU B 9 -47.75 65.35 -11.66
N ASN B 10 -47.65 66.58 -11.19
CA ASN B 10 -46.71 67.53 -11.75
C ASN B 10 -45.40 67.49 -10.96
N ILE B 11 -44.32 67.04 -11.61
CA ILE B 11 -43.05 66.82 -10.93
C ILE B 11 -42.35 68.13 -10.50
N ALA B 12 -42.68 69.22 -11.20
CA ALA B 12 -42.12 70.53 -10.87
C ALA B 12 -42.61 71.08 -9.52
N GLU B 13 -43.92 70.97 -9.26
CA GLU B 13 -44.49 71.39 -7.98
C GLU B 13 -43.88 70.64 -6.81
N ILE B 14 -43.77 69.32 -6.94
CA ILE B 14 -43.17 68.48 -5.92
C ILE B 14 -41.77 68.96 -5.59
N ALA B 15 -40.90 69.00 -6.59
CA ALA B 15 -39.54 69.53 -6.45
C ALA B 15 -39.52 70.92 -5.81
N GLU B 16 -40.40 71.81 -6.26
CA GLU B 16 -40.61 73.11 -5.62
C GLU B 16 -40.90 73.00 -4.12
N ARG B 17 -41.79 72.07 -3.74
CA ARG B 17 -42.13 71.87 -2.33
C ARG B 17 -40.94 71.35 -1.52
N ILE B 18 -40.28 70.34 -2.05
CA ILE B 18 -39.12 69.73 -1.41
C ILE B 18 -37.99 70.73 -1.18
N GLY B 19 -37.74 71.57 -2.20
CA GLY B 19 -36.74 72.63 -2.13
C GLY B 19 -36.99 73.65 -1.04
N ASN B 20 -38.23 73.71 -0.54
CA ASN B 20 -38.54 74.65 0.53
C ASN B 20 -38.56 74.00 1.90
N ASP B 21 -37.88 72.86 2.03
CA ASP B 21 -37.93 72.02 3.22
C ASP B 21 -36.62 71.24 3.36
N ASP B 22 -35.76 71.74 4.24
CA ASP B 22 -34.39 71.25 4.39
C ASP B 22 -34.28 69.75 4.55
N CYS B 23 -35.15 69.18 5.37
CA CYS B 23 -35.07 67.76 5.70
C CYS B 23 -35.40 66.91 4.48
N ALA B 24 -36.57 67.16 3.87
CA ALA B 24 -36.99 66.43 2.68
C ALA B 24 -35.87 66.46 1.66
N TYR B 25 -35.33 67.65 1.42
CA TYR B 25 -34.32 67.89 0.41
C TYR B 25 -33.08 67.04 0.61
N GLN B 26 -32.52 67.08 1.82
CA GLN B 26 -31.34 66.29 2.17
C GLN B 26 -31.57 64.80 2.23
N VAL B 27 -32.76 64.38 2.66
CA VAL B 27 -33.12 62.97 2.67
C VAL B 27 -33.09 62.46 1.24
N LEU B 28 -33.56 63.28 0.31
CA LEU B 28 -33.62 62.91 -1.10
C LEU B 28 -32.24 62.82 -1.72
N MSE B 29 -31.39 63.79 -1.42
CA MSE B 29 -30.09 63.94 -2.03
C MSE B 29 -29.10 62.96 -1.45
O MSE B 29 -28.13 62.60 -2.11
CB MSE B 29 -29.60 65.38 -1.88
CG MSE B 29 -30.36 66.39 -2.74
SE MSE B 29 -30.64 65.79 -4.42
CE MSE B 29 -31.16 67.25 -5.29
N ALA B 30 -29.35 62.51 -0.22
CA ALA B 30 -28.49 61.51 0.40
C ALA B 30 -28.31 60.30 -0.52
N PHE B 31 -29.36 59.92 -1.24
CA PHE B 31 -29.28 58.78 -2.14
C PHE B 31 -28.41 58.99 -3.38
N ILE B 32 -28.06 60.25 -3.67
CA ILE B 32 -27.13 60.56 -4.76
C ILE B 32 -25.71 60.66 -4.24
N ASN B 33 -24.81 59.86 -4.83
CA ASN B 33 -23.46 59.70 -4.31
C ASN B 33 -22.44 60.71 -4.88
N GLU B 34 -21.18 60.55 -4.48
CA GLU B 34 -20.09 61.45 -4.87
C GLU B 34 -19.97 61.65 -6.39
N ASN B 35 -20.22 60.60 -7.16
CA ASN B 35 -20.14 60.64 -8.63
C ASN B 35 -21.45 60.92 -9.37
N GLY B 36 -22.49 61.31 -8.63
CA GLY B 36 -23.78 61.63 -9.22
C GLY B 36 -24.71 60.43 -9.37
N GLU B 37 -24.23 59.26 -9.00
CA GLU B 37 -24.97 58.01 -9.15
C GLU B 37 -25.88 57.76 -7.97
N ALA B 38 -27.09 57.27 -8.25
CA ALA B 38 -28.03 56.86 -7.21
C ALA B 38 -27.48 55.62 -6.49
N GLN B 39 -27.71 55.56 -5.18
CA GLN B 39 -27.18 54.48 -4.36
C GLN B 39 -28.23 53.95 -3.39
N MSE B 40 -27.94 52.78 -2.83
CA MSE B 40 -28.75 52.13 -1.81
C MSE B 40 -28.34 52.60 -0.41
O MSE B 40 -27.16 52.84 -0.16
CB MSE B 40 -28.55 50.62 -1.95
CG MSE B 40 -28.65 49.76 -0.70
SE MSE B 40 -27.89 48.14 -1.08
CE MSE B 40 -28.78 47.74 -2.61
N LEU B 41 -29.31 52.75 0.49
CA LEU B 41 -29.02 53.15 1.86
C LEU B 41 -30.03 52.54 2.85
N ASN B 42 -29.55 52.07 4.00
CA ASN B 42 -30.46 51.76 5.09
C ASN B 42 -30.85 53.07 5.82
N LYS B 43 -31.93 53.03 6.60
CA LYS B 43 -32.39 54.20 7.38
C LYS B 43 -31.31 54.88 8.22
N THR B 44 -30.44 54.08 8.85
CA THR B 44 -29.39 54.59 9.73
C THR B 44 -28.35 55.41 8.97
N ALA B 45 -27.94 54.90 7.81
CA ALA B 45 -27.02 55.59 6.92
C ALA B 45 -27.52 57.01 6.64
N VAL B 46 -28.79 57.13 6.25
CA VAL B 46 -29.36 58.41 5.92
C VAL B 46 -29.28 59.37 7.10
N ALA B 47 -29.75 58.93 8.28
CA ALA B 47 -29.75 59.77 9.47
C ALA B 47 -28.34 60.19 9.89
N GLU B 48 -27.37 59.31 9.63
CA GLU B 48 -25.97 59.58 9.96
C GLU B 48 -25.38 60.60 8.97
N MSE B 49 -25.76 60.45 7.70
CA MSE B 49 -25.30 61.29 6.59
C MSE B 49 -25.76 62.76 6.67
O MSE B 49 -25.01 63.66 6.34
CB MSE B 49 -25.77 60.69 5.26
CG MSE B 49 -24.96 59.49 4.77
SE MSE B 49 -25.62 58.78 3.24
CE MSE B 49 -25.22 60.08 2.05
N ILE B 50 -26.99 62.98 7.08
CA ILE B 50 -27.50 64.35 7.19
C ILE B 50 -27.58 64.75 8.66
N GLN B 51 -27.39 66.03 8.97
CA GLN B 51 -27.40 66.39 10.38
C GLN B 51 -28.72 66.77 10.99
N LEU B 52 -29.60 65.76 11.00
CA LEU B 52 -30.91 65.85 11.61
C LEU B 52 -31.10 64.56 12.43
N SER B 53 -32.00 64.63 13.41
CA SER B 53 -32.25 63.53 14.34
C SER B 53 -32.85 62.32 13.65
N LYS B 54 -32.62 61.13 14.21
CA LYS B 54 -33.21 59.91 13.68
C LYS B 54 -34.73 60.04 13.46
N PRO B 55 -35.48 60.44 14.51
CA PRO B 55 -36.94 60.56 14.34
C PRO B 55 -37.36 61.37 13.11
N THR B 56 -36.77 62.54 12.92
CA THR B 56 -37.04 63.37 11.75
C THR B 56 -36.71 62.63 10.45
N VAL B 57 -35.49 62.16 10.34
CA VAL B 57 -35.05 61.49 9.13
C VAL B 57 -35.85 60.23 8.83
N PHE B 58 -36.08 59.40 9.84
CA PHE B 58 -36.80 58.13 9.64
C PHE B 58 -38.23 58.38 9.17
N ALA B 59 -38.92 59.30 9.83
CA ALA B 59 -40.31 59.62 9.47
C ALA B 59 -40.40 60.13 8.02
N THR B 60 -39.41 60.92 7.63
CA THR B 60 -39.30 61.45 6.27
C THR B 60 -39.08 60.32 5.26
N VAL B 61 -38.16 59.42 5.57
CA VAL B 61 -37.90 58.21 4.76
C VAL B 61 -39.17 57.40 4.57
N ASN B 62 -39.83 57.10 5.68
CA ASN B 62 -41.14 56.40 5.65
C ASN B 62 -42.15 57.08 4.74
N SER B 63 -42.36 58.39 4.93
CA SER B 63 -43.35 59.10 4.11
C SER B 63 -42.97 59.12 2.62
N PHE B 64 -41.67 59.30 2.35
CA PHE B 64 -41.16 59.27 0.97
C PHE B 64 -41.33 57.92 0.26
N TYR B 65 -41.26 56.84 1.02
CA TYR B 65 -41.65 55.54 0.49
C TYR B 65 -43.16 55.44 0.25
N CYS B 66 -43.96 56.05 1.13
CA CYS B 66 -45.42 56.09 0.93
C CYS B 66 -45.77 56.83 -0.35
N ALA B 67 -45.14 58.00 -0.52
CA ALA B 67 -45.29 58.85 -1.68
C ALA B 67 -44.82 58.18 -2.96
N GLY B 68 -43.98 57.16 -2.83
CA GLY B 68 -43.44 56.44 -3.98
C GLY B 68 -42.19 57.08 -4.53
N TYR B 69 -41.53 57.91 -3.72
CA TYR B 69 -40.31 58.59 -4.13
C TYR B 69 -39.09 57.72 -3.91
N ILE B 70 -39.14 56.88 -2.88
CA ILE B 70 -38.09 55.90 -2.64
C ILE B 70 -38.68 54.49 -2.60
N ASP B 71 -37.88 53.50 -2.99
CA ASP B 71 -38.30 52.09 -2.94
C ASP B 71 -37.78 51.40 -1.70
N GLU B 72 -38.50 50.39 -1.25
CA GLU B 72 -38.08 49.60 -0.10
C GLU B 72 -37.87 48.19 -0.59
N THR B 73 -36.78 47.59 -0.15
CA THR B 73 -36.56 46.20 -0.48
C THR B 73 -35.98 45.47 0.71
N ARG B 74 -36.52 44.29 0.99
CA ARG B 74 -36.09 43.51 2.12
C ARG B 74 -34.74 42.88 1.80
N VAL B 75 -33.86 42.90 2.80
CA VAL B 75 -32.46 42.59 2.64
C VAL B 75 -31.95 42.22 4.05
N GLY B 76 -31.47 40.98 4.22
CA GLY B 76 -31.29 40.41 5.55
C GLY B 76 -32.67 40.30 6.17
N ARG B 77 -32.83 40.69 7.44
CA ARG B 77 -34.17 40.90 8.02
C ARG B 77 -34.47 42.37 8.22
N SER B 78 -33.71 43.20 7.51
CA SER B 78 -34.01 44.62 7.45
C SER B 78 -34.33 45.09 6.03
N LYS B 79 -34.35 46.39 5.85
CA LYS B 79 -34.82 46.99 4.63
C LYS B 79 -33.77 47.94 4.07
N ILE B 80 -33.82 48.14 2.76
CA ILE B 80 -33.01 49.20 2.13
C ILE B 80 -33.79 50.04 1.14
N TYR B 81 -33.32 51.27 1.00
CA TYR B 81 -33.99 52.29 0.25
C TYR B 81 -33.17 52.75 -0.94
N THR B 82 -33.84 52.87 -2.08
CA THR B 82 -33.27 53.42 -3.30
C THR B 82 -34.32 54.40 -3.86
N LEU B 83 -33.89 55.38 -4.64
CA LEU B 83 -34.84 56.26 -5.30
C LEU B 83 -35.62 55.44 -6.33
N SER B 84 -36.93 55.67 -6.41
CA SER B 84 -37.73 55.15 -7.51
C SER B 84 -37.44 55.97 -8.76
N ASP B 85 -38.08 55.61 -9.87
CA ASP B 85 -37.95 56.38 -11.11
C ASP B 85 -38.49 57.78 -10.91
N LEU B 86 -39.54 57.88 -10.10
CA LEU B 86 -40.10 59.15 -9.69
C LEU B 86 -39.07 59.96 -8.89
N GLY B 87 -38.39 59.28 -7.97
CA GLY B 87 -37.32 59.86 -7.17
C GLY B 87 -36.22 60.44 -8.03
N VAL B 88 -35.72 59.63 -8.96
CA VAL B 88 -34.69 60.07 -9.90
C VAL B 88 -35.13 61.31 -10.71
N GLU B 89 -36.39 61.31 -11.16
CA GLU B 89 -36.91 62.44 -11.95
C GLU B 89 -36.96 63.74 -11.15
N ILE B 90 -37.37 63.66 -9.88
CA ILE B 90 -37.33 64.79 -8.95
C ILE B 90 -35.90 65.32 -8.74
N VAL B 91 -34.96 64.41 -8.50
CA VAL B 91 -33.54 64.76 -8.39
C VAL B 91 -33.02 65.51 -9.62
N GLU B 92 -33.50 65.13 -10.81
CA GLU B 92 -33.12 65.79 -12.07
C GLU B 92 -33.48 67.27 -12.15
N CYS B 93 -34.63 67.64 -11.59
CA CYS B 93 -35.07 69.03 -11.60
C CYS B 93 -34.08 69.89 -10.83
N PHE B 94 -33.60 69.33 -9.71
CA PHE B 94 -32.62 70.02 -8.87
C PHE B 94 -31.26 70.17 -9.52
N LYS B 95 -30.77 69.08 -10.10
CA LYS B 95 -29.52 69.09 -10.87
C LYS B 95 -29.52 70.18 -11.95
N GLN B 96 -30.67 70.37 -12.60
CA GLN B 96 -30.82 71.37 -13.65
C GLN B 96 -30.76 72.80 -13.13
N LYS B 97 -31.37 73.03 -11.95
CA LYS B 97 -31.24 74.30 -11.24
C LYS B 97 -29.77 74.62 -11.01
N ALA B 98 -29.06 73.67 -10.41
CA ALA B 98 -27.64 73.82 -10.06
C ALA B 98 -26.69 73.68 -11.25
N PHE C 6 -6.51 38.93 -18.30
CA PHE C 6 -5.34 38.03 -18.06
C PHE C 6 -5.62 36.55 -18.40
N TYR C 7 -6.82 36.07 -18.07
CA TYR C 7 -7.12 34.64 -18.22
C TYR C 7 -8.52 34.39 -18.77
N THR C 8 -8.61 33.55 -19.80
CA THR C 8 -9.90 33.26 -20.42
C THR C 8 -10.60 32.09 -19.74
N LEU C 9 -11.92 32.16 -19.70
CA LEU C 9 -12.72 31.25 -18.90
C LEU C 9 -13.83 30.66 -19.74
N ASN C 10 -13.98 29.34 -19.65
CA ASN C 10 -15.07 28.66 -20.31
C ASN C 10 -16.24 28.50 -19.35
N ILE C 11 -17.35 29.17 -19.65
CA ILE C 11 -18.51 29.22 -18.73
C ILE C 11 -19.24 27.88 -18.61
N ALA C 12 -19.11 27.04 -19.65
CA ALA C 12 -19.73 25.72 -19.65
C ALA C 12 -19.10 24.76 -18.63
N GLU C 13 -17.77 24.73 -18.57
CA GLU C 13 -17.05 23.90 -17.58
C GLU C 13 -17.43 24.27 -16.16
N ILE C 14 -17.43 25.57 -15.87
CA ILE C 14 -17.80 26.07 -14.56
C ILE C 14 -19.17 25.56 -14.15
N ALA C 15 -20.18 25.88 -14.97
CA ALA C 15 -21.54 25.38 -14.77
C ALA C 15 -21.60 23.86 -14.59
N GLU C 16 -20.87 23.13 -15.43
CA GLU C 16 -20.69 21.69 -15.26
C GLU C 16 -20.18 21.30 -13.86
N ARG C 17 -19.17 22.03 -13.37
CA ARG C 17 -18.60 21.76 -12.05
C ARG C 17 -19.62 22.04 -10.93
N ILE C 18 -20.26 23.21 -11.00
CA ILE C 18 -21.25 23.63 -10.02
C ILE C 18 -22.43 22.65 -9.94
N GLY C 19 -22.89 22.18 -11.10
CA GLY C 19 -23.97 21.20 -11.20
C GLY C 19 -23.65 19.87 -10.53
N ASN C 20 -22.37 19.61 -10.28
CA ASN C 20 -21.98 18.37 -9.61
C ASN C 20 -21.71 18.56 -8.13
N ASP C 21 -22.26 19.63 -7.56
CA ASP C 21 -21.96 20.04 -6.19
C ASP C 21 -23.17 20.79 -5.62
N ASP C 22 -23.93 20.08 -4.78
CA ASP C 22 -25.22 20.54 -4.27
C ASP C 22 -25.17 21.92 -3.66
N CYS C 23 -24.14 22.17 -2.85
CA CYS C 23 -24.06 23.42 -2.09
C CYS C 23 -23.82 24.60 -3.03
N ALA C 24 -22.77 24.51 -3.87
CA ALA C 24 -22.47 25.55 -4.84
C ALA C 24 -23.72 25.90 -5.62
N TYR C 25 -24.39 24.86 -6.12
CA TYR C 25 -25.56 24.99 -6.99
C TYR C 25 -26.67 25.78 -6.32
N GLN C 26 -27.06 25.38 -5.11
CA GLN C 26 -28.10 26.06 -4.34
C GLN C 26 -27.73 27.45 -3.87
N VAL C 27 -26.46 27.66 -3.53
CA VAL C 27 -25.98 28.99 -3.17
C VAL C 27 -26.17 29.93 -4.35
N LEU C 28 -25.91 29.42 -5.54
CA LEU C 28 -26.02 30.21 -6.77
C LEU C 28 -27.47 30.56 -7.09
N MSE C 29 -28.33 29.57 -6.96
CA MSE C 29 -29.72 29.67 -7.37
C MSE C 29 -30.53 30.46 -6.36
O MSE C 29 -31.55 31.04 -6.71
CB MSE C 29 -30.32 28.28 -7.58
CG MSE C 29 -29.79 27.56 -8.83
SE MSE C 29 -29.70 28.63 -10.27
CE MSE C 29 -29.44 27.51 -11.62
N ALA C 30 -30.07 30.48 -5.11
CA ALA C 30 -30.74 31.28 -4.08
C ALA C 30 -30.94 32.72 -4.55
N PHE C 31 -29.98 33.26 -5.29
CA PHE C 31 -30.08 34.63 -5.77
C PHE C 31 -31.13 34.84 -6.85
N ILE C 32 -31.64 33.77 -7.45
CA ILE C 32 -32.74 33.84 -8.42
C ILE C 32 -34.08 33.65 -7.72
N ASN C 33 -34.97 34.63 -7.88
CA ASN C 33 -36.22 34.68 -7.13
C ASN C 33 -37.39 33.92 -7.79
N GLU C 34 -38.57 34.01 -7.17
CA GLU C 34 -39.77 33.31 -7.63
C GLU C 34 -40.12 33.60 -9.09
N ASN C 35 -39.90 34.84 -9.54
CA ASN C 35 -40.21 35.26 -10.92
C ASN C 35 -39.03 35.18 -11.92
N GLY C 36 -37.94 34.54 -11.51
CA GLY C 36 -36.78 34.37 -12.38
C GLY C 36 -35.77 35.51 -12.32
N GLU C 37 -36.09 36.52 -11.52
CA GLU C 37 -35.28 37.74 -11.40
C GLU C 37 -34.18 37.56 -10.37
N ALA C 38 -32.99 38.06 -10.69
CA ALA C 38 -31.88 38.11 -9.74
C ALA C 38 -32.19 39.07 -8.60
N GLN C 39 -31.79 38.70 -7.39
CA GLN C 39 -32.09 39.49 -6.20
C GLN C 39 -30.87 39.64 -5.31
N MSE C 40 -30.97 40.59 -4.38
CA MSE C 40 -29.97 40.84 -3.35
C MSE C 40 -30.21 39.97 -2.12
O MSE C 40 -31.36 39.72 -1.75
CB MSE C 40 -30.06 42.33 -2.99
CG MSE C 40 -29.69 42.77 -1.57
SE MSE C 40 -30.35 44.44 -1.31
CE MSE C 40 -29.67 45.27 -2.77
N LEU C 41 -29.14 39.52 -1.47
CA LEU C 41 -29.26 38.72 -0.26
C LEU C 41 -28.07 38.96 0.68
N ASN C 42 -28.33 39.06 1.98
CA ASN C 42 -27.26 38.96 2.95
C ASN C 42 -26.88 37.48 3.17
N LYS C 43 -25.69 37.23 3.74
CA LYS C 43 -25.24 35.85 4.04
C LYS C 43 -26.25 34.99 4.81
N THR C 44 -26.94 35.58 5.78
CA THR C 44 -27.89 34.86 6.62
C THR C 44 -29.11 34.37 5.83
N ALA C 45 -29.63 35.24 4.96
CA ALA C 45 -30.72 34.90 4.07
C ALA C 45 -30.40 33.61 3.30
N VAL C 46 -29.22 33.58 2.69
CA VAL C 46 -28.81 32.44 1.88
C VAL C 46 -28.80 31.17 2.72
N ALA C 47 -28.13 31.20 3.87
CA ALA C 47 -28.04 30.03 4.75
C ALA C 47 -29.40 29.56 5.25
N GLU C 48 -30.32 30.51 5.43
CA GLU C 48 -31.67 30.19 5.88
C GLU C 48 -32.48 29.56 4.75
N MSE C 49 -32.28 30.09 3.53
CA MSE C 49 -32.97 29.67 2.32
C MSE C 49 -32.63 28.23 1.87
O MSE C 49 -33.50 27.51 1.41
CB MSE C 49 -32.65 30.63 1.17
CG MSE C 49 -33.41 31.95 1.21
SE MSE C 49 -32.91 33.08 -0.12
CE MSE C 49 -33.60 32.24 -1.57
N ILE C 50 -31.38 27.84 1.98
CA ILE C 50 -31.00 26.48 1.59
C ILE C 50 -30.73 25.64 2.83
N GLN C 51 -30.99 24.34 2.76
CA GLN C 51 -30.80 23.56 3.98
C GLN C 51 -29.45 22.95 4.22
N LEU C 52 -28.49 23.85 4.38
CA LEU C 52 -27.12 23.53 4.73
C LEU C 52 -26.70 24.49 5.85
N SER C 53 -25.68 24.09 6.59
CA SER C 53 -25.21 24.82 7.76
C SER C 53 -24.61 26.17 7.38
N LYS C 54 -24.64 27.13 8.31
CA LYS C 54 -24.03 28.44 8.08
C LYS C 54 -22.58 28.32 7.59
N PRO C 55 -21.72 27.58 8.33
CA PRO C 55 -20.31 27.45 7.90
C PRO C 55 -20.15 27.05 6.42
N THR C 56 -20.87 26.03 5.99
CA THR C 56 -20.84 25.60 4.60
C THR C 56 -21.28 26.74 3.65
N VAL C 57 -22.47 27.26 3.90
CA VAL C 57 -23.01 28.29 3.04
C VAL C 57 -22.16 29.54 3.00
N PHE C 58 -21.71 30.01 4.16
CA PHE C 58 -20.91 31.25 4.25
C PHE C 58 -19.60 31.10 3.50
N ALA C 59 -18.90 29.98 3.72
CA ALA C 59 -17.62 29.75 3.05
C ALA C 59 -17.78 29.71 1.53
N THR C 60 -18.89 29.14 1.09
CA THR C 60 -19.23 29.06 -0.34
C THR C 60 -19.50 30.45 -0.90
N VAL C 61 -20.29 31.25 -0.18
CA VAL C 61 -20.55 32.66 -0.54
C VAL C 61 -19.25 33.44 -0.68
N ASN C 62 -18.41 33.35 0.35
CA ASN C 62 -17.07 33.97 0.31
C ASN C 62 -16.26 33.56 -0.91
N SER C 63 -16.14 32.26 -1.16
CA SER C 63 -15.34 31.81 -2.32
C SER C 63 -15.94 32.26 -3.66
N PHE C 64 -17.28 32.24 -3.75
CA PHE C 64 -17.97 32.71 -4.95
C PHE C 64 -17.79 34.21 -5.23
N TYR C 65 -17.65 35.00 -4.19
CA TYR C 65 -17.23 36.39 -4.35
C TYR C 65 -15.77 36.50 -4.80
N CYS C 66 -14.90 35.61 -4.29
CA CYS C 66 -13.50 35.58 -4.73
C CYS C 66 -13.41 35.26 -6.21
N ALA C 67 -14.15 34.23 -6.62
CA ALA C 67 -14.25 33.78 -8.00
C ALA C 67 -14.84 34.83 -8.91
N GLY C 68 -15.56 35.80 -8.35
CA GLY C 68 -16.19 36.86 -9.12
C GLY C 68 -17.57 36.48 -9.62
N TYR C 69 -18.16 35.47 -9.00
CA TYR C 69 -19.49 35.01 -9.40
C TYR C 69 -20.57 35.81 -8.73
N ILE C 70 -20.30 36.27 -7.51
CA ILE C 70 -21.21 37.17 -6.81
C ILE C 70 -20.51 38.47 -6.44
N ASP C 71 -21.26 39.57 -6.37
CA ASP C 71 -20.71 40.86 -5.97
C ASP C 71 -20.99 41.16 -4.51
N GLU C 72 -20.12 41.94 -3.89
CA GLU C 72 -20.30 42.35 -2.52
C GLU C 72 -20.46 43.84 -2.51
N THR C 73 -21.42 44.32 -1.74
CA THR C 73 -21.56 45.76 -1.59
C THR C 73 -21.90 46.09 -0.14
N ARG C 74 -21.22 47.10 0.38
CA ARG C 74 -21.40 47.50 1.76
C ARG C 74 -22.73 48.25 1.86
N VAL C 75 -23.45 47.96 2.93
CA VAL C 75 -24.84 48.36 3.12
C VAL C 75 -25.08 48.29 4.64
N GLY C 76 -25.43 49.43 5.24
CA GLY C 76 -25.36 49.56 6.71
C GLY C 76 -23.90 49.41 7.09
N ARG C 77 -23.60 48.64 8.13
CA ARG C 77 -22.21 48.21 8.39
C ARG C 77 -22.02 46.74 8.08
N SER C 78 -22.94 46.19 7.29
CA SER C 78 -22.78 44.86 6.75
C SER C 78 -22.71 44.86 5.23
N LYS C 79 -22.83 43.67 4.66
CA LYS C 79 -22.61 43.47 3.25
C LYS C 79 -23.81 42.78 2.61
N ILE C 80 -23.97 43.00 1.32
CA ILE C 80 -24.95 42.23 0.53
C ILE C 80 -24.39 41.71 -0.78
N TYR C 81 -24.99 40.60 -1.20
CA TYR C 81 -24.52 39.85 -2.33
C TYR C 81 -25.55 39.81 -3.46
N THR C 82 -25.06 40.03 -4.67
CA THR C 82 -25.84 39.91 -5.89
C THR C 82 -24.98 39.12 -6.88
N LEU C 83 -25.61 38.46 -7.84
CA LEU C 83 -24.83 37.80 -8.89
C LEU C 83 -24.15 38.86 -9.73
N SER C 84 -22.88 38.62 -10.08
CA SER C 84 -22.21 39.43 -11.09
C SER C 84 -22.74 39.06 -12.48
N ASP C 85 -22.25 39.73 -13.51
CA ASP C 85 -22.62 39.38 -14.88
C ASP C 85 -22.19 37.96 -15.21
N LEU C 86 -21.04 37.57 -14.64
CA LEU C 86 -20.53 36.22 -14.75
C LEU C 86 -21.51 35.24 -14.08
N GLY C 87 -21.99 35.63 -12.89
CA GLY C 87 -22.98 34.86 -12.14
C GLY C 87 -24.24 34.63 -12.95
N VAL C 88 -24.80 35.71 -13.48
CA VAL C 88 -26.00 35.62 -14.33
C VAL C 88 -25.78 34.69 -15.54
N GLU C 89 -24.61 34.78 -16.17
CA GLU C 89 -24.30 33.94 -17.34
C GLU C 89 -24.26 32.44 -17.00
N ILE C 90 -23.67 32.11 -15.85
CA ILE C 90 -23.67 30.75 -15.31
C ILE C 90 -25.08 30.25 -15.04
N VAL C 91 -25.91 31.06 -14.39
CA VAL C 91 -27.31 30.75 -14.16
C VAL C 91 -28.08 30.44 -15.46
N GLU C 92 -27.74 31.16 -16.53
CA GLU C 92 -28.36 30.95 -17.85
C GLU C 92 -28.15 29.56 -18.44
N CYS C 93 -26.96 28.98 -18.22
CA CYS C 93 -26.66 27.64 -18.71
C CYS C 93 -27.59 26.63 -18.08
N PHE C 94 -27.86 26.82 -16.79
CA PHE C 94 -28.76 25.95 -16.05
C PHE C 94 -30.21 26.06 -16.48
N LYS C 95 -30.68 27.30 -16.62
CA LYS C 95 -32.02 27.58 -17.13
C LYS C 95 -32.27 26.90 -18.48
N GLN C 96 -31.26 26.87 -19.33
CA GLN C 96 -31.34 26.24 -20.65
C GLN C 96 -31.45 24.72 -20.58
N LYS C 97 -30.71 24.11 -19.65
CA LYS C 97 -30.85 22.68 -19.34
C LYS C 97 -32.29 22.37 -18.98
N ALA C 98 -32.82 23.11 -18.02
CA ALA C 98 -34.18 22.91 -17.50
C ALA C 98 -35.27 23.47 -18.43
N PHE D 6 -14.90 31.98 -23.26
CA PHE D 6 -16.18 32.72 -23.09
C PHE D 6 -16.03 34.01 -22.27
N TYR D 7 -15.23 33.97 -21.22
CA TYR D 7 -15.14 35.12 -20.30
C TYR D 7 -13.71 35.41 -19.85
N THR D 8 -13.30 36.67 -19.96
CA THR D 8 -11.93 37.05 -19.58
C THR D 8 -11.85 37.42 -18.10
N LEU D 9 -10.70 37.12 -17.50
CA LEU D 9 -10.54 37.18 -16.08
C LEU D 9 -9.29 37.96 -15.74
N ASN D 10 -9.43 38.90 -14.81
CA ASN D 10 -8.29 39.65 -14.30
C ASN D 10 -7.74 38.97 -13.05
N ILE D 11 -6.51 38.45 -13.14
CA ILE D 11 -5.93 37.65 -12.05
C ILE D 11 -5.57 38.49 -10.82
N ALA D 12 -5.35 39.78 -11.02
CA ALA D 12 -5.04 40.70 -9.93
C ALA D 12 -6.22 40.93 -8.97
N GLU D 13 -7.42 41.15 -9.53
CA GLU D 13 -8.63 41.30 -8.72
C GLU D 13 -8.90 40.07 -7.86
N ILE D 14 -8.80 38.90 -8.47
CA ILE D 14 -9.01 37.63 -7.77
C ILE D 14 -8.08 37.55 -6.57
N ALA D 15 -6.77 37.63 -6.82
CA ALA D 15 -5.76 37.66 -5.75
C ALA D 15 -6.06 38.71 -4.68
N GLU D 16 -6.44 39.93 -5.11
CA GLU D 16 -6.92 40.95 -4.20
C GLU D 16 -8.08 40.48 -3.30
N ARG D 17 -9.06 39.80 -3.89
CA ARG D 17 -10.20 39.29 -3.14
C ARG D 17 -9.78 38.21 -2.14
N ILE D 18 -8.99 37.26 -2.60
CA ILE D 18 -8.51 36.16 -1.77
C ILE D 18 -7.70 36.66 -0.57
N GLY D 19 -6.83 37.64 -0.82
CA GLY D 19 -6.03 38.28 0.21
C GLY D 19 -6.84 38.95 1.32
N ASN D 20 -8.11 39.22 1.04
CA ASN D 20 -8.97 39.83 2.05
C ASN D 20 -9.85 38.82 2.76
N ASP D 21 -9.46 37.55 2.73
CA ASP D 21 -10.27 36.44 3.21
C ASP D 21 -9.36 35.31 3.69
N ASP D 22 -9.21 35.22 5.00
CA ASP D 22 -8.23 34.33 5.64
C ASP D 22 -8.33 32.88 5.17
N CYS D 23 -9.55 32.38 5.05
CA CYS D 23 -9.75 30.98 4.73
C CYS D 23 -9.33 30.68 3.30
N ALA D 24 -9.87 31.44 2.35
CA ALA D 24 -9.51 31.29 0.94
C ALA D 24 -8.00 31.28 0.80
N TYR D 25 -7.37 32.27 1.43
CA TYR D 25 -5.93 32.50 1.33
C TYR D 25 -5.12 31.29 1.79
N GLN D 26 -5.42 30.79 2.99
CA GLN D 26 -4.74 29.62 3.54
C GLN D 26 -5.04 28.32 2.82
N VAL D 27 -6.27 28.17 2.32
CA VAL D 27 -6.63 27.00 1.52
C VAL D 27 -5.77 26.96 0.28
N LEU D 28 -5.53 28.14 -0.29
CA LEU D 28 -4.72 28.26 -1.52
C LEU D 28 -3.25 27.94 -1.27
N MSE D 29 -2.73 28.48 -0.17
CA MSE D 29 -1.31 28.41 0.13
C MSE D 29 -0.94 27.04 0.67
O MSE D 29 0.21 26.64 0.56
CB MSE D 29 -0.95 29.51 1.12
CG MSE D 29 -0.96 30.92 0.53
SE MSE D 29 -0.20 30.99 -1.11
CE MSE D 29 0.02 32.73 -1.39
N ALA D 30 -1.92 26.34 1.25
CA ALA D 30 -1.67 24.98 1.72
C ALA D 30 -1.04 24.13 0.64
N PHE D 31 -1.44 24.32 -0.61
CA PHE D 31 -0.89 23.55 -1.71
C PHE D 31 0.57 23.86 -2.05
N ILE D 32 1.09 24.97 -1.54
CA ILE D 32 2.51 25.31 -1.71
C ILE D 32 3.33 24.81 -0.53
N ASN D 33 4.34 24.00 -0.81
CA ASN D 33 5.09 23.29 0.21
C ASN D 33 6.29 24.07 0.79
N GLU D 34 7.04 23.43 1.67
CA GLU D 34 8.17 24.03 2.37
C GLU D 34 9.21 24.64 1.41
N ASN D 35 9.43 24.00 0.26
CA ASN D 35 10.40 24.47 -0.74
C ASN D 35 9.83 25.34 -1.87
N GLY D 36 8.59 25.78 -1.72
CA GLY D 36 7.95 26.64 -2.72
C GLY D 36 7.23 25.90 -3.83
N GLU D 37 7.32 24.57 -3.79
CA GLU D 37 6.77 23.71 -4.83
C GLU D 37 5.31 23.40 -4.58
N ALA D 38 4.50 23.41 -5.64
CA ALA D 38 3.10 22.99 -5.57
C ALA D 38 3.02 21.50 -5.27
N GLN D 39 2.04 21.11 -4.47
CA GLN D 39 1.89 19.71 -4.04
C GLN D 39 0.45 19.26 -4.12
N MSE D 40 0.26 17.94 -4.07
CA MSE D 40 -1.04 17.28 -4.03
C MSE D 40 -1.54 17.16 -2.59
O MSE D 40 -0.75 16.94 -1.68
CB MSE D 40 -0.87 15.90 -4.67
CG MSE D 40 -1.76 14.76 -4.18
SE MSE D 40 -1.02 13.19 -4.75
CE MSE D 40 -0.80 13.57 -6.51
N LEU D 41 -2.85 17.31 -2.39
CA LEU D 41 -3.43 17.15 -1.06
C LEU D 41 -4.87 16.59 -1.15
N ASN D 42 -5.21 15.68 -0.26
CA ASN D 42 -6.62 15.35 -0.07
C ASN D 42 -7.31 16.41 0.80
N LYS D 43 -8.64 16.46 0.78
CA LYS D 43 -9.42 17.42 1.60
C LYS D 43 -9.04 17.45 3.09
N THR D 44 -8.78 16.27 3.66
CA THR D 44 -8.47 16.14 5.08
C THR D 44 -7.13 16.80 5.44
N ALA D 45 -6.12 16.57 4.59
CA ALA D 45 -4.82 17.20 4.73
C ALA D 45 -4.97 18.71 4.87
N VAL D 46 -5.72 19.32 3.96
CA VAL D 46 -5.90 20.76 3.95
C VAL D 46 -6.51 21.23 5.27
N ALA D 47 -7.62 20.61 5.68
CA ALA D 47 -8.31 21.00 6.91
C ALA D 47 -7.43 20.82 8.15
N GLU D 48 -6.55 19.82 8.12
CA GLU D 48 -5.64 19.55 9.22
C GLU D 48 -4.52 20.59 9.25
N MSE D 49 -4.04 20.96 8.05
CA MSE D 49 -2.95 21.92 7.85
C MSE D 49 -3.28 23.35 8.29
O MSE D 49 -2.44 24.05 8.83
CB MSE D 49 -2.54 21.93 6.37
CG MSE D 49 -1.67 20.76 5.94
SE MSE D 49 -1.29 20.79 4.17
CE MSE D 49 -0.18 22.20 4.06
N ILE D 50 -4.50 23.81 8.02
CA ILE D 50 -4.89 25.15 8.42
C ILE D 50 -5.83 25.09 9.62
N GLN D 51 -5.80 26.09 10.49
CA GLN D 51 -6.65 25.99 11.67
C GLN D 51 -8.05 26.54 11.56
N LEU D 52 -8.81 25.90 10.67
CA LEU D 52 -10.21 26.17 10.46
C LEU D 52 -10.93 24.82 10.39
N SER D 53 -12.24 24.85 10.65
CA SER D 53 -13.05 23.64 10.74
C SER D 53 -13.17 22.95 9.39
N LYS D 54 -13.40 21.64 9.41
CA LYS D 54 -13.61 20.87 8.18
C LYS D 54 -14.67 21.51 7.27
N PRO D 55 -15.88 21.78 7.81
CA PRO D 55 -16.93 22.38 6.96
C PRO D 55 -16.46 23.61 6.18
N THR D 56 -15.81 24.55 6.85
CA THR D 56 -15.26 25.74 6.21
C THR D 56 -14.25 25.37 5.11
N VAL D 57 -13.24 24.61 5.50
CA VAL D 57 -12.19 24.25 4.57
C VAL D 57 -12.70 23.45 3.38
N PHE D 58 -13.54 22.45 3.63
CA PHE D 58 -14.06 21.59 2.56
C PHE D 58 -14.89 22.39 1.57
N ALA D 59 -15.79 23.23 2.07
CA ALA D 59 -16.64 24.05 1.19
C ALA D 59 -15.81 24.98 0.31
N THR D 60 -14.73 25.51 0.89
CA THR D 60 -13.80 26.37 0.19
C THR D 60 -13.06 25.61 -0.92
N VAL D 61 -12.57 24.41 -0.58
CA VAL D 61 -11.93 23.50 -1.55
C VAL D 61 -12.87 23.20 -2.71
N ASN D 62 -14.10 22.79 -2.39
CA ASN D 62 -15.14 22.56 -3.40
C ASN D 62 -15.35 23.76 -4.31
N SER D 63 -15.55 24.94 -3.74
CA SER D 63 -15.80 26.14 -4.57
C SER D 63 -14.59 26.50 -5.42
N PHE D 64 -13.38 26.36 -4.86
CA PHE D 64 -12.14 26.60 -5.60
C PHE D 64 -11.91 25.66 -6.78
N TYR D 65 -12.38 24.42 -6.65
CA TYR D 65 -12.42 23.53 -7.82
C TYR D 65 -13.48 23.97 -8.83
N CYS D 66 -14.62 24.49 -8.37
CA CYS D 66 -15.64 25.03 -9.27
C CYS D 66 -15.09 26.19 -10.07
N ALA D 67 -14.44 27.11 -9.36
CA ALA D 67 -13.79 28.29 -9.92
C ALA D 67 -12.68 27.94 -10.89
N GLY D 68 -12.14 26.72 -10.78
CA GLY D 68 -11.05 26.27 -11.64
C GLY D 68 -9.69 26.63 -11.09
N TYR D 69 -9.64 26.94 -9.80
CA TYR D 69 -8.37 27.30 -9.16
C TYR D 69 -7.60 26.08 -8.72
N ILE D 70 -8.32 25.03 -8.34
CA ILE D 70 -7.69 23.75 -8.03
C ILE D 70 -8.26 22.64 -8.92
N ASP D 71 -7.44 21.63 -9.19
CA ASP D 71 -7.89 20.48 -9.99
C ASP D 71 -8.27 19.29 -9.10
N GLU D 72 -9.16 18.46 -9.59
CA GLU D 72 -9.58 17.28 -8.87
C GLU D 72 -9.19 16.09 -9.70
N THR D 73 -8.63 15.09 -9.06
CA THR D 73 -8.32 13.87 -9.78
C THR D 73 -8.63 12.67 -8.91
N ARG D 74 -9.30 11.68 -9.50
CA ARG D 74 -9.69 10.49 -8.78
C ARG D 74 -8.46 9.63 -8.56
N VAL D 75 -8.38 9.07 -7.35
CA VAL D 75 -7.19 8.41 -6.85
C VAL D 75 -7.68 7.50 -5.72
N GLY D 76 -7.46 6.18 -5.86
CA GLY D 76 -8.18 5.20 -5.04
C GLY D 76 -9.66 5.33 -5.37
N ARG D 77 -10.53 5.34 -4.37
CA ARG D 77 -11.93 5.75 -4.57
C ARG D 77 -12.20 7.10 -3.96
N SER D 78 -11.14 7.84 -3.72
CA SER D 78 -11.26 9.23 -3.31
C SER D 78 -10.61 10.19 -4.32
N LYS D 79 -10.45 11.43 -3.90
CA LYS D 79 -10.03 12.48 -4.78
C LYS D 79 -8.82 13.21 -4.23
N ILE D 80 -8.04 13.80 -5.12
CA ILE D 80 -6.96 14.70 -4.70
C ILE D 80 -6.93 16.00 -5.47
N TYR D 81 -6.40 17.01 -4.79
CA TYR D 81 -6.42 18.38 -5.27
C TYR D 81 -5.01 18.90 -5.50
N THR D 82 -4.84 19.57 -6.64
CA THR D 82 -3.62 20.27 -6.99
C THR D 82 -4.04 21.64 -7.54
N LEU D 83 -3.17 22.63 -7.45
CA LEU D 83 -3.48 23.91 -8.07
C LEU D 83 -3.51 23.73 -9.59
N SER D 84 -4.47 24.35 -10.25
CA SER D 84 -4.47 24.46 -11.71
C SER D 84 -3.42 25.50 -12.11
N ASP D 85 -3.27 25.71 -13.42
CA ASP D 85 -2.37 26.75 -13.92
C ASP D 85 -2.84 28.12 -13.46
N LEU D 86 -4.16 28.26 -13.39
CA LEU D 86 -4.79 29.47 -12.85
C LEU D 86 -4.41 29.63 -11.37
N GLY D 87 -4.48 28.53 -10.63
CA GLY D 87 -4.10 28.49 -9.21
C GLY D 87 -2.66 28.95 -9.02
N VAL D 88 -1.74 28.35 -9.76
CA VAL D 88 -0.34 28.73 -9.70
C VAL D 88 -0.12 30.22 -10.01
N GLU D 89 -0.83 30.75 -11.01
CA GLU D 89 -0.71 32.16 -11.39
C GLU D 89 -1.16 33.11 -10.27
N ILE D 90 -2.27 32.77 -9.60
CA ILE D 90 -2.75 33.48 -8.42
C ILE D 90 -1.72 33.47 -7.27
N VAL D 91 -1.17 32.29 -6.99
CA VAL D 91 -0.09 32.15 -5.99
C VAL D 91 1.11 33.05 -6.29
N GLU D 92 1.44 33.22 -7.58
CA GLU D 92 2.55 34.08 -8.01
C GLU D 92 2.39 35.56 -7.64
N CYS D 93 1.15 36.07 -7.68
CA CYS D 93 0.90 37.46 -7.32
C CYS D 93 1.24 37.69 -5.87
N PHE D 94 0.91 36.70 -5.03
CA PHE D 94 1.20 36.76 -3.61
C PHE D 94 2.68 36.70 -3.28
N LYS D 95 3.37 35.75 -3.90
CA LYS D 95 4.82 35.61 -3.79
C LYS D 95 5.55 36.92 -4.11
N GLN D 96 5.04 37.64 -5.12
CA GLN D 96 5.62 38.92 -5.54
C GLN D 96 5.42 40.03 -4.51
N LYS D 97 4.25 40.06 -3.88
CA LYS D 97 3.97 40.94 -2.76
C LYS D 97 5.02 40.73 -1.66
N ALA D 98 5.16 39.46 -1.25
CA ALA D 98 6.07 39.07 -0.18
C ALA D 98 7.54 39.02 -0.60
N PHE E 6 27.26 3.85 -6.75
CA PHE E 6 27.98 2.70 -6.13
C PHE E 6 27.80 1.38 -6.90
N TYR E 7 26.58 1.13 -7.38
CA TYR E 7 26.27 -0.17 -8.00
C TYR E 7 25.40 -0.05 -9.25
N THR E 8 25.83 -0.69 -10.32
CA THR E 8 25.09 -0.62 -11.59
C THR E 8 24.01 -1.70 -11.66
N LEU E 9 22.92 -1.36 -12.33
CA LEU E 9 21.72 -2.16 -12.31
C LEU E 9 21.23 -2.39 -13.73
N ASN E 10 20.92 -3.64 -14.04
CA ASN E 10 20.32 -3.99 -15.32
C ASN E 10 18.80 -4.01 -15.19
N ILE E 11 18.13 -3.09 -15.88
CA ILE E 11 16.69 -2.92 -15.73
C ILE E 11 15.88 -4.08 -16.34
N ALA E 12 16.48 -4.77 -17.30
CA ALA E 12 15.83 -5.92 -17.94
C ALA E 12 15.67 -7.12 -16.99
N GLU E 13 16.73 -7.44 -16.24
CA GLU E 13 16.67 -8.53 -15.24
C GLU E 13 15.59 -8.28 -14.20
N ILE E 14 15.56 -7.05 -13.67
CA ILE E 14 14.56 -6.67 -12.68
C ILE E 14 13.16 -6.91 -13.20
N ALA E 15 12.83 -6.29 -14.33
CA ALA E 15 11.55 -6.50 -15.01
C ALA E 15 11.24 -7.98 -15.25
N GLU E 16 12.25 -8.74 -15.71
CA GLU E 16 12.14 -10.20 -15.80
C GLU E 16 11.73 -10.86 -14.47
N ARG E 17 12.36 -10.44 -13.37
CA ARG E 17 12.04 -10.99 -12.05
C ARG E 17 10.61 -10.64 -11.63
N ILE E 18 10.25 -9.37 -11.77
CA ILE E 18 8.92 -8.88 -11.40
C ILE E 18 7.81 -9.59 -12.18
N GLY E 19 8.05 -9.78 -13.48
CA GLY E 19 7.12 -10.50 -14.37
C GLY E 19 6.86 -11.94 -13.95
N ASN E 20 7.73 -12.50 -13.12
CA ASN E 20 7.55 -13.87 -12.65
C ASN E 20 6.95 -13.94 -11.27
N ASP E 21 6.28 -12.86 -10.85
CA ASP E 21 5.80 -12.71 -9.48
C ASP E 21 4.57 -11.80 -9.49
N ASP E 22 3.40 -12.44 -9.37
CA ASP E 22 2.10 -11.77 -9.54
C ASP E 22 1.93 -10.53 -8.70
N CYS E 23 2.34 -10.62 -7.44
CA CYS E 23 2.12 -9.53 -6.50
C CYS E 23 2.97 -8.32 -6.86
N ALA E 24 4.29 -8.52 -7.01
CA ALA E 24 5.19 -7.45 -7.39
C ALA E 24 4.64 -6.74 -8.61
N TYR E 25 4.27 -7.54 -9.62
CA TYR E 25 3.82 -7.05 -10.91
C TYR E 25 2.62 -6.12 -10.80
N GLN E 26 1.58 -6.59 -10.11
CA GLN E 26 0.36 -5.81 -9.88
C GLN E 26 0.53 -4.61 -8.98
N VAL E 27 1.42 -4.71 -7.98
CA VAL E 27 1.74 -3.58 -7.11
C VAL E 27 2.33 -2.48 -7.96
N LEU E 28 3.18 -2.86 -8.91
CA LEU E 28 3.86 -1.92 -9.79
C LEU E 28 2.90 -1.23 -10.75
N MSE E 29 2.01 -2.03 -11.34
CA MSE E 29 1.12 -1.57 -12.39
C MSE E 29 -0.03 -0.77 -11.82
O MSE E 29 -0.61 0.06 -12.51
CB MSE E 29 0.62 -2.77 -13.19
CG MSE E 29 1.68 -3.41 -14.08
SE MSE E 29 2.69 -2.20 -14.96
CE MSE E 29 3.54 -3.17 -16.18
N ALA E 30 -0.36 -1.00 -10.55
CA ALA E 30 -1.40 -0.22 -9.88
C ALA E 30 -1.16 1.26 -10.04
N PHE E 31 0.11 1.68 -10.00
CA PHE E 31 0.43 3.09 -10.14
C PHE E 31 0.21 3.67 -11.53
N ILE E 32 0.03 2.81 -12.53
CA ILE E 32 -0.32 3.25 -13.89
C ILE E 32 -1.83 3.26 -14.09
N ASN E 33 -2.36 4.42 -14.47
CA ASN E 33 -3.81 4.63 -14.52
C ASN E 33 -4.47 4.24 -15.85
N GLU E 34 -5.77 4.50 -15.95
CA GLU E 34 -6.56 4.14 -17.13
C GLU E 34 -6.00 4.69 -18.44
N ASN E 35 -5.43 5.90 -18.40
CA ASN E 35 -4.86 6.55 -19.59
C ASN E 35 -3.35 6.35 -19.80
N GLY E 36 -2.75 5.45 -19.03
CA GLY E 36 -1.32 5.15 -19.15
C GLY E 36 -0.42 6.03 -18.30
N GLU E 37 -1.03 6.98 -17.59
CA GLU E 37 -0.30 7.95 -16.79
C GLU E 37 -0.01 7.42 -15.40
N ALA E 38 1.21 7.69 -14.91
CA ALA E 38 1.58 7.37 -13.53
C ALA E 38 0.77 8.22 -12.56
N GLN E 39 0.39 7.61 -11.44
CA GLN E 39 -0.46 8.29 -10.45
C GLN E 39 0.05 8.05 -9.03
N MSE E 40 -0.45 8.87 -8.12
CA MSE E 40 -0.19 8.77 -6.68
C MSE E 40 -1.18 7.81 -6.01
O MSE E 40 -2.35 7.76 -6.39
CB MSE E 40 -0.31 10.19 -6.10
CG MSE E 40 -0.78 10.33 -4.65
SE MSE E 40 -1.29 12.07 -4.41
CE MSE E 40 0.19 12.90 -5.04
N LEU E 41 -0.72 7.05 -5.02
CA LEU E 41 -1.59 6.15 -4.28
C LEU E 41 -1.12 6.01 -2.82
N ASN E 42 -2.06 5.98 -1.89
CA ASN E 42 -1.74 5.53 -0.54
C ASN E 42 -1.71 4.00 -0.50
N LYS E 43 -1.09 3.42 0.54
CA LYS E 43 -1.03 1.96 0.71
C LYS E 43 -2.38 1.23 0.60
N THR E 44 -3.43 1.83 1.16
CA THR E 44 -4.77 1.22 1.17
C THR E 44 -5.37 1.11 -0.24
N ALA E 45 -5.20 2.18 -1.03
CA ALA E 45 -5.64 2.20 -2.41
C ALA E 45 -5.06 1.00 -3.16
N VAL E 46 -3.75 0.78 -3.03
CA VAL E 46 -3.08 -0.30 -3.73
C VAL E 46 -3.68 -1.65 -3.33
N ALA E 47 -3.79 -1.91 -2.04
CA ALA E 47 -4.33 -3.18 -1.55
C ALA E 47 -5.76 -3.42 -1.97
N GLU E 48 -6.53 -2.33 -2.10
CA GLU E 48 -7.92 -2.40 -2.52
C GLU E 48 -8.01 -2.68 -4.02
N MSE E 49 -7.11 -2.06 -4.78
CA MSE E 49 -7.02 -2.15 -6.25
C MSE E 49 -6.64 -3.55 -6.75
O MSE E 49 -7.17 -4.01 -7.76
CB MSE E 49 -6.01 -1.14 -6.78
CG MSE E 49 -6.51 0.29 -6.85
SE MSE E 49 -5.24 1.46 -7.41
CE MSE E 49 -5.07 0.98 -9.15
N ILE E 50 -5.72 -4.22 -6.07
CA ILE E 50 -5.33 -5.57 -6.50
C ILE E 50 -5.90 -6.59 -5.55
N GLN E 51 -6.21 -7.79 -6.04
CA GLN E 51 -6.83 -8.75 -5.13
C GLN E 51 -5.91 -9.66 -4.35
N LEU E 52 -5.13 -9.00 -3.50
CA LEU E 52 -4.24 -9.66 -2.56
C LEU E 52 -4.43 -8.97 -1.20
N SER E 53 -4.06 -9.68 -0.14
CA SER E 53 -4.27 -9.22 1.23
C SER E 53 -3.41 -7.99 1.55
N LYS E 54 -3.88 -7.18 2.50
CA LYS E 54 -3.10 -6.03 2.95
C LYS E 54 -1.65 -6.38 3.31
N PRO E 55 -1.44 -7.38 4.18
CA PRO E 55 -0.06 -7.75 4.56
C PRO E 55 0.87 -7.96 3.36
N THR E 56 0.42 -8.74 2.39
CA THR E 56 1.19 -8.98 1.16
C THR E 56 1.48 -7.68 0.42
N VAL E 57 0.43 -6.94 0.11
CA VAL E 57 0.57 -5.72 -0.65
C VAL E 57 1.41 -4.67 0.07
N PHE E 58 1.18 -4.47 1.36
CA PHE E 58 1.91 -3.46 2.14
C PHE E 58 3.39 -3.78 2.20
N ALA E 59 3.72 -5.04 2.50
CA ALA E 59 5.13 -5.46 2.57
C ALA E 59 5.85 -5.26 1.25
N THR E 60 5.14 -5.53 0.16
CA THR E 60 5.65 -5.33 -1.20
C THR E 60 5.90 -3.85 -1.48
N VAL E 61 4.94 -3.01 -1.13
CA VAL E 61 5.06 -1.54 -1.24
C VAL E 61 6.29 -1.05 -0.48
N ASN E 62 6.39 -1.45 0.79
CA ASN E 62 7.56 -1.14 1.61
C ASN E 62 8.88 -1.53 0.97
N SER E 63 8.98 -2.78 0.52
CA SER E 63 10.24 -3.24 -0.10
C SER E 63 10.55 -2.51 -1.40
N PHE E 64 9.52 -2.23 -2.20
CA PHE E 64 9.67 -1.46 -3.44
C PHE E 64 10.14 -0.02 -3.24
N TYR E 65 9.75 0.58 -2.12
CA TYR E 65 10.33 1.86 -1.71
C TYR E 65 11.79 1.71 -1.27
N CYS E 66 12.11 0.60 -0.60
CA CYS E 66 13.50 0.32 -0.21
C CYS E 66 14.38 0.19 -1.44
N ALA E 67 13.89 -0.59 -2.40
CA ALA E 67 14.56 -0.83 -3.68
C ALA E 67 14.70 0.44 -4.51
N GLY E 68 13.89 1.45 -4.20
CA GLY E 68 13.93 2.73 -4.93
C GLY E 68 13.05 2.72 -6.16
N TYR E 69 12.10 1.77 -6.21
CA TYR E 69 11.19 1.67 -7.34
C TYR E 69 10.01 2.59 -7.19
N ILE E 70 9.58 2.82 -5.95
CA ILE E 70 8.54 3.79 -5.67
C ILE E 70 9.05 4.85 -4.69
N ASP E 71 8.50 6.06 -4.78
CA ASP E 71 8.87 7.14 -3.86
C ASP E 71 7.83 7.31 -2.76
N GLU E 72 8.28 7.79 -1.62
CA GLU E 72 7.39 8.04 -0.49
C GLU E 72 7.42 9.52 -0.23
N THR E 73 6.25 10.10 0.00
CA THR E 73 6.20 11.49 0.36
C THR E 73 5.14 11.69 1.43
N ARG E 74 5.51 12.45 2.46
CA ARG E 74 4.60 12.71 3.56
C ARG E 74 3.55 13.70 3.11
N VAL E 75 2.31 13.43 3.54
CA VAL E 75 1.12 14.08 3.04
C VAL E 75 0.05 13.87 4.12
N GLY E 76 -0.46 14.97 4.69
CA GLY E 76 -1.22 14.90 5.95
C GLY E 76 -0.25 14.38 7.01
N ARG E 77 -0.68 13.43 7.84
CA ARG E 77 0.26 12.69 8.70
C ARG E 77 0.44 11.26 8.22
N SER E 78 0.08 11.05 6.96
CA SER E 78 0.39 9.79 6.30
C SER E 78 1.30 9.97 5.09
N LYS E 79 1.39 8.92 4.30
CA LYS E 79 2.36 8.86 3.22
C LYS E 79 1.68 8.54 1.90
N ILE E 80 2.30 8.96 0.81
CA ILE E 80 1.85 8.53 -0.52
C ILE E 80 3.00 8.07 -1.41
N TYR E 81 2.63 7.19 -2.33
CA TYR E 81 3.58 6.49 -3.18
C TYR E 81 3.38 6.83 -4.64
N THR E 82 4.49 7.10 -5.32
CA THR E 82 4.53 7.32 -6.76
C THR E 82 5.71 6.50 -7.29
N LEU E 83 5.67 6.12 -8.55
CA LEU E 83 6.82 5.45 -9.14
C LEU E 83 7.98 6.45 -9.21
N SER E 84 9.19 5.98 -8.89
CA SER E 84 10.39 6.75 -9.16
C SER E 84 10.69 6.70 -10.66
N ASP E 85 11.76 7.37 -11.07
CA ASP E 85 12.19 7.30 -12.48
C ASP E 85 12.59 5.87 -12.83
N LEU E 86 13.17 5.18 -11.85
CA LEU E 86 13.49 3.78 -11.98
C LEU E 86 12.21 2.95 -12.17
N GLY E 87 11.19 3.27 -11.38
CA GLY E 87 9.87 2.63 -11.48
C GLY E 87 9.28 2.79 -12.86
N VAL E 88 9.24 4.02 -13.35
CA VAL E 88 8.74 4.30 -14.69
C VAL E 88 9.50 3.52 -15.77
N GLU E 89 10.82 3.44 -15.64
CA GLU E 89 11.65 2.71 -16.62
C GLU E 89 11.33 1.21 -16.66
N ILE E 90 11.13 0.62 -15.49
CA ILE E 90 10.68 -0.77 -15.35
C ILE E 90 9.31 -1.00 -16.02
N VAL E 91 8.36 -0.11 -15.73
CA VAL E 91 7.04 -0.15 -16.37
C VAL E 91 7.13 -0.11 -17.91
N GLU E 92 8.09 0.65 -18.43
CA GLU E 92 8.31 0.76 -19.89
C GLU E 92 8.68 -0.56 -20.57
N CYS E 93 9.45 -1.41 -19.89
CA CYS E 93 9.84 -2.70 -20.44
C CYS E 93 8.62 -3.56 -20.65
N PHE E 94 7.69 -3.49 -19.70
CA PHE E 94 6.45 -4.23 -19.78
C PHE E 94 5.51 -3.76 -20.89
N LYS E 95 5.33 -2.44 -20.97
CA LYS E 95 4.56 -1.81 -22.03
C LYS E 95 5.03 -2.25 -23.42
N GLN E 96 6.35 -2.38 -23.57
CA GLN E 96 6.97 -2.80 -24.84
C GLN E 96 6.69 -4.26 -25.19
N LYS E 97 6.70 -5.12 -24.17
CA LYS E 97 6.26 -6.52 -24.32
C LYS E 97 4.85 -6.56 -24.89
N ALA E 98 3.94 -5.85 -24.21
CA ALA E 98 2.51 -5.83 -24.55
C ALA E 98 2.20 -4.93 -25.76
N PHE F 6 22.48 -0.42 -16.86
CA PHE F 6 21.41 0.55 -17.23
C PHE F 6 21.21 1.66 -16.20
N TYR F 7 21.27 1.32 -14.91
CA TYR F 7 20.94 2.28 -13.86
C TYR F 7 21.87 2.19 -12.66
N THR F 8 22.40 3.33 -12.24
CA THR F 8 23.34 3.37 -11.12
C THR F 8 22.62 3.51 -9.79
N LEU F 9 23.18 2.90 -8.76
CA LEU F 9 22.52 2.74 -7.49
C LEU F 9 23.43 3.17 -6.36
N ASN F 10 22.90 4.00 -5.47
CA ASN F 10 23.62 4.40 -4.28
C ASN F 10 23.28 3.47 -3.12
N ILE F 11 24.27 2.71 -2.66
CA ILE F 11 24.05 1.67 -1.64
C ILE F 11 23.73 2.24 -0.26
N ALA F 12 24.17 3.48 -0.01
CA ALA F 12 23.90 4.15 1.25
C ALA F 12 22.42 4.51 1.45
N GLU F 13 21.78 5.04 0.40
CA GLU F 13 20.34 5.35 0.44
C GLU F 13 19.51 4.11 0.72
N ILE F 14 19.81 3.02 0.01
CA ILE F 14 19.11 1.76 0.20
C ILE F 14 19.18 1.31 1.65
N ALA F 15 20.40 1.15 2.16
CA ALA F 15 20.63 0.82 3.57
C ALA F 15 19.89 1.75 4.52
N GLU F 16 19.95 3.06 4.25
CA GLU F 16 19.14 4.05 4.97
C GLU F 16 17.63 3.72 4.97
N ARG F 17 17.10 3.34 3.81
CA ARG F 17 15.68 3.00 3.68
C ARG F 17 15.35 1.74 4.49
N ILE F 18 16.16 0.70 4.31
CA ILE F 18 15.96 -0.58 5.00
C ILE F 18 16.01 -0.42 6.52
N GLY F 19 16.96 0.39 7.00
CA GLY F 19 17.10 0.70 8.42
C GLY F 19 15.88 1.36 9.04
N ASN F 20 15.02 1.93 8.20
CA ASN F 20 13.80 2.58 8.70
C ASN F 20 12.58 1.70 8.58
N ASP F 21 12.79 0.38 8.47
CA ASP F 21 11.73 -0.58 8.17
C ASP F 21 12.10 -1.92 8.78
N ASP F 22 11.47 -2.22 9.92
CA ASP F 22 11.80 -3.38 10.75
C ASP F 22 11.85 -4.69 9.99
N CYS F 23 10.86 -4.90 9.13
CA CYS F 23 10.72 -6.17 8.44
C CYS F 23 11.85 -6.36 7.43
N ALA F 24 12.04 -5.39 6.54
CA ALA F 24 13.11 -5.43 5.55
C ALA F 24 14.42 -5.74 6.25
N TYR F 25 14.69 -5.00 7.32
CA TYR F 25 15.95 -5.08 8.06
C TYR F 25 16.22 -6.48 8.58
N GLN F 26 15.25 -7.06 9.29
CA GLN F 26 15.37 -8.41 9.84
C GLN F 26 15.39 -9.50 8.79
N VAL F 27 14.65 -9.32 7.68
CA VAL F 27 14.69 -10.26 6.58
C VAL F 27 16.10 -10.33 6.03
N LEU F 28 16.75 -9.18 5.96
CA LEU F 28 18.10 -9.06 5.42
C LEU F 28 19.13 -9.72 6.34
N MSE F 29 19.00 -9.45 7.63
CA MSE F 29 19.97 -9.86 8.62
C MSE F 29 19.82 -11.33 8.94
O MSE F 29 20.78 -11.97 9.37
CB MSE F 29 19.82 -9.00 9.87
CG MSE F 29 20.30 -7.56 9.70
SE MSE F 29 21.86 -7.44 8.80
CE MSE F 29 22.37 -5.77 9.08
N ALA F 30 18.64 -11.89 8.73
CA ALA F 30 18.42 -13.31 8.94
C ALA F 30 19.47 -14.14 8.20
N PHE F 31 19.86 -13.70 7.01
CA PHE F 31 20.86 -14.42 6.23
C PHE F 31 22.27 -14.39 6.80
N ILE F 32 22.52 -13.48 7.75
CA ILE F 32 23.81 -13.44 8.46
C ILE F 32 23.76 -14.26 9.74
N ASN F 33 24.67 -15.23 9.85
CA ASN F 33 24.62 -16.21 10.93
C ASN F 33 25.36 -15.78 12.21
N GLU F 34 25.41 -16.68 13.20
CA GLU F 34 26.00 -16.43 14.50
C GLU F 34 27.45 -15.93 14.42
N ASN F 35 28.22 -16.45 13.45
CA ASN F 35 29.63 -16.07 13.27
C ASN F 35 29.91 -14.96 12.24
N GLY F 36 28.83 -14.29 11.80
CA GLY F 36 28.96 -13.19 10.85
C GLY F 36 28.94 -13.60 9.39
N GLU F 37 28.85 -14.92 9.15
CA GLU F 37 28.90 -15.49 7.81
C GLU F 37 27.53 -15.51 7.17
N ALA F 38 27.47 -15.19 5.88
CA ALA F 38 26.24 -15.31 5.10
C ALA F 38 25.85 -16.77 4.95
N GLN F 39 24.56 -17.05 5.00
CA GLN F 39 24.06 -18.43 4.94
C GLN F 39 22.87 -18.54 4.00
N MSE F 40 22.55 -19.78 3.64
CA MSE F 40 21.40 -20.15 2.84
C MSE F 40 20.16 -20.35 3.71
O MSE F 40 20.25 -20.85 4.82
CB MSE F 40 21.75 -21.43 2.09
CG MSE F 40 20.63 -22.40 1.74
SE MSE F 40 21.40 -24.01 1.32
CE MSE F 40 22.61 -23.46 0.09
N LEU F 41 18.99 -19.95 3.21
CA LEU F 41 17.74 -20.15 3.93
C LEU F 41 16.57 -20.37 2.96
N ASN F 42 15.67 -21.30 3.30
CA ASN F 42 14.39 -21.34 2.62
C ASN F 42 13.44 -20.28 3.21
N LYS F 43 12.37 -19.94 2.48
CA LYS F 43 11.37 -18.96 2.96
C LYS F 43 10.84 -19.22 4.38
N THR F 44 10.60 -20.48 4.71
CA THR F 44 10.04 -20.86 6.02
C THR F 44 11.00 -20.55 7.16
N ALA F 45 12.28 -20.88 6.96
CA ALA F 45 13.33 -20.58 7.92
C ALA F 45 13.29 -19.10 8.30
N VAL F 46 13.25 -18.23 7.29
CA VAL F 46 13.25 -16.79 7.52
C VAL F 46 12.06 -16.38 8.37
N ALA F 47 10.86 -16.80 7.97
CA ALA F 47 9.64 -16.43 8.70
C ALA F 47 9.64 -16.95 10.13
N GLU F 48 10.27 -18.11 10.34
CA GLU F 48 10.37 -18.71 11.67
C GLU F 48 11.38 -17.95 12.54
N MSE F 49 12.48 -17.54 11.90
CA MSE F 49 13.58 -16.81 12.53
C MSE F 49 13.21 -15.41 13.04
O MSE F 49 13.66 -14.99 14.09
CB MSE F 49 14.75 -16.69 11.56
CG MSE F 49 15.59 -17.96 11.40
SE MSE F 49 16.91 -17.78 10.16
CE MSE F 49 18.03 -16.64 11.00
N ILE F 50 12.42 -14.68 12.28
CA ILE F 50 12.01 -13.35 12.71
C ILE F 50 10.56 -13.36 13.15
N GLN F 51 10.20 -12.51 14.11
CA GLN F 51 8.82 -12.59 14.58
C GLN F 51 7.79 -11.74 13.89
N LEU F 52 7.62 -12.08 12.62
CA LEU F 52 6.62 -11.49 11.75
C LEU F 52 5.92 -12.63 11.01
N SER F 53 4.71 -12.35 10.53
CA SER F 53 3.87 -13.35 9.88
C SER F 53 4.47 -13.83 8.56
N LYS F 54 4.13 -15.06 8.15
CA LYS F 54 4.58 -15.58 6.87
C LYS F 54 4.29 -14.63 5.70
N PRO F 55 3.02 -14.17 5.56
CA PRO F 55 2.72 -13.26 4.44
C PRO F 55 3.67 -12.05 4.34
N THR F 56 3.92 -11.38 5.46
CA THR F 56 4.85 -10.26 5.49
C THR F 56 6.26 -10.68 5.06
N VAL F 57 6.78 -11.70 5.73
CA VAL F 57 8.13 -12.15 5.46
C VAL F 57 8.30 -12.66 4.03
N PHE F 58 7.37 -13.47 3.56
CA PHE F 58 7.46 -14.05 2.21
C PHE F 58 7.43 -12.97 1.15
N ALA F 59 6.50 -12.03 1.28
CA ALA F 59 6.38 -10.94 0.29
C ALA F 59 7.65 -10.10 0.23
N THR F 60 8.26 -9.90 1.40
CA THR F 60 9.52 -9.17 1.52
C THR F 60 10.67 -9.93 0.84
N VAL F 61 10.75 -11.23 1.10
CA VAL F 61 11.72 -12.13 0.45
C VAL F 61 11.59 -12.05 -1.07
N ASN F 62 10.36 -12.23 -1.55
CA ASN F 62 10.06 -12.10 -2.98
C ASN F 62 10.54 -10.77 -3.57
N SER F 63 10.15 -9.66 -2.93
CA SER F 63 10.55 -8.34 -3.46
C SER F 63 12.07 -8.13 -3.43
N PHE F 64 12.71 -8.60 -2.36
CA PHE F 64 14.18 -8.54 -2.24
C PHE F 64 14.94 -9.35 -3.30
N TYR F 65 14.35 -10.46 -3.73
CA TYR F 65 14.87 -11.16 -4.90
C TYR F 65 14.64 -10.37 -6.20
N CYS F 66 13.50 -9.69 -6.30
CA CYS F 66 13.23 -8.83 -7.46
C CYS F 66 14.25 -7.71 -7.55
N ALA F 67 14.48 -7.06 -6.42
CA ALA F 67 15.44 -5.99 -6.26
C ALA F 67 16.88 -6.44 -6.53
N GLY F 68 17.11 -7.74 -6.44
CA GLY F 68 18.45 -8.31 -6.66
C GLY F 68 19.29 -8.32 -5.40
N TYR F 69 18.63 -8.20 -4.25
CA TYR F 69 19.34 -8.20 -2.96
C TYR F 69 19.60 -9.61 -2.48
N ILE F 70 18.69 -10.53 -2.80
CA ILE F 70 18.89 -11.94 -2.49
C ILE F 70 18.82 -12.78 -3.78
N ASP F 71 19.54 -13.89 -3.80
CA ASP F 71 19.50 -14.81 -4.94
C ASP F 71 18.56 -15.99 -4.69
N GLU F 72 18.01 -16.53 -5.76
CA GLU F 72 17.15 -17.68 -5.66
C GLU F 72 17.83 -18.80 -6.41
N THR F 73 17.81 -19.98 -5.83
CA THR F 73 18.34 -21.13 -6.52
C THR F 73 17.46 -22.35 -6.26
N ARG F 74 17.16 -23.07 -7.32
CA ARG F 74 16.30 -24.24 -7.21
C ARG F 74 17.09 -25.37 -6.57
N VAL F 75 16.42 -26.08 -5.68
CA VAL F 75 17.03 -27.04 -4.78
C VAL F 75 15.90 -27.97 -4.34
N GLY F 76 16.02 -29.27 -4.63
CA GLY F 76 14.87 -30.18 -4.57
C GLY F 76 13.87 -29.70 -5.61
N ARG F 77 12.59 -29.63 -5.25
CA ARG F 77 11.59 -28.91 -6.08
C ARG F 77 11.17 -27.61 -5.41
N SER F 78 11.98 -27.15 -4.47
CA SER F 78 11.80 -25.84 -3.89
C SER F 78 12.99 -24.93 -4.15
N LYS F 79 13.02 -23.81 -3.44
CA LYS F 79 13.97 -22.76 -3.69
C LYS F 79 14.72 -22.40 -2.42
N ILE F 80 15.93 -21.87 -2.60
CA ILE F 80 16.67 -21.30 -1.47
C ILE F 80 17.27 -19.93 -1.78
N TYR F 81 17.41 -19.16 -0.72
CA TYR F 81 17.81 -17.78 -0.81
C TYR F 81 19.14 -17.53 -0.12
N THR F 82 19.99 -16.77 -0.80
CA THR F 82 21.27 -16.31 -0.27
C THR F 82 21.38 -14.82 -0.64
N LEU F 83 22.14 -14.06 0.12
CA LEU F 83 22.38 -12.68 -0.25
C LEU F 83 23.19 -12.64 -1.54
N SER F 84 22.84 -11.75 -2.45
CA SER F 84 23.68 -11.46 -3.60
C SER F 84 24.88 -10.62 -3.14
N ASP F 85 25.76 -10.28 -4.07
CA ASP F 85 26.89 -9.40 -3.75
C ASP F 85 26.39 -8.03 -3.33
N LEU F 86 25.28 -7.61 -3.94
CA LEU F 86 24.59 -6.40 -3.57
C LEU F 86 24.08 -6.50 -2.12
N GLY F 87 23.49 -7.66 -1.80
CA GLY F 87 23.00 -7.96 -0.45
C GLY F 87 24.10 -7.85 0.57
N VAL F 88 25.21 -8.53 0.32
CA VAL F 88 26.38 -8.46 1.22
C VAL F 88 26.88 -7.03 1.42
N GLU F 89 26.91 -6.23 0.34
CA GLU F 89 27.38 -4.85 0.43
C GLU F 89 26.48 -3.98 1.31
N ILE F 90 25.16 -4.16 1.19
CA ILE F 90 24.16 -3.52 2.05
C ILE F 90 24.36 -3.91 3.53
N VAL F 91 24.52 -5.21 3.79
CA VAL F 91 24.82 -5.70 5.15
C VAL F 91 26.07 -5.05 5.75
N GLU F 92 27.08 -4.79 4.91
CA GLU F 92 28.32 -4.13 5.36
C GLU F 92 28.14 -2.72 5.91
N CYS F 93 27.21 -1.96 5.34
CA CYS F 93 26.93 -0.60 5.81
C CYS F 93 26.42 -0.65 7.23
N PHE F 94 25.57 -1.64 7.50
CA PHE F 94 25.01 -1.83 8.84
C PHE F 94 26.02 -2.25 9.88
N LYS F 95 26.85 -3.24 9.52
CA LYS F 95 27.96 -3.70 10.35
C LYS F 95 28.87 -2.54 10.77
N GLN F 96 29.10 -1.60 9.85
CA GLN F 96 29.94 -0.42 10.12
C GLN F 96 29.31 0.55 11.10
N LYS F 97 28.00 0.74 10.98
CA LYS F 97 27.23 1.51 11.96
C LYS F 97 27.44 0.93 13.36
N ALA F 98 27.19 -0.37 13.49
CA ALA F 98 27.29 -1.09 14.76
C ALA F 98 28.73 -1.40 15.19
N PHE G 6 43.75 -39.62 10.47
CA PHE G 6 43.80 -40.95 11.14
C PHE G 6 44.00 -42.11 10.16
N TYR G 7 43.33 -42.06 9.01
CA TYR G 7 43.33 -43.20 8.08
C TYR G 7 43.45 -42.77 6.62
N THR G 8 44.38 -43.38 5.90
CA THR G 8 44.60 -43.04 4.50
C THR G 8 43.70 -43.86 3.57
N LEU G 9 43.30 -43.22 2.47
CA LEU G 9 42.26 -43.75 1.62
C LEU G 9 42.73 -43.73 0.17
N ASN G 10 42.57 -44.86 -0.51
CA ASN G 10 42.86 -44.95 -1.92
C ASN G 10 41.59 -44.67 -2.73
N ILE G 11 41.60 -43.56 -3.47
CA ILE G 11 40.40 -43.10 -4.19
C ILE G 11 40.03 -44.00 -5.38
N ALA G 12 41.01 -44.71 -5.91
CA ALA G 12 40.79 -45.63 -7.03
C ALA G 12 39.96 -46.86 -6.64
N GLU G 13 40.27 -47.47 -5.49
CA GLU G 13 39.50 -48.60 -4.97
C GLU G 13 38.04 -48.23 -4.75
N ILE G 14 37.81 -47.10 -4.11
CA ILE G 14 36.47 -46.61 -3.85
C ILE G 14 35.68 -46.50 -5.14
N ALA G 15 36.18 -45.71 -6.08
CA ALA G 15 35.59 -45.59 -7.42
C ALA G 15 35.35 -46.94 -8.08
N GLU G 16 36.33 -47.84 -8.00
CA GLU G 16 36.15 -49.23 -8.43
C GLU G 16 34.94 -49.91 -7.79
N ARG G 17 34.78 -49.75 -6.47
CA ARG G 17 33.67 -50.35 -5.75
C ARG G 17 32.32 -49.76 -6.20
N ILE G 18 32.27 -48.43 -6.26
CA ILE G 18 31.06 -47.71 -6.65
C ILE G 18 30.61 -48.10 -8.07
N GLY G 19 31.58 -48.21 -8.98
CA GLY G 19 31.33 -48.61 -10.36
C GLY G 19 30.72 -50.00 -10.49
N ASN G 20 30.83 -50.81 -9.45
CA ASN G 20 30.25 -52.16 -9.48
C ASN G 20 28.91 -52.23 -8.77
N ASP G 21 28.25 -51.09 -8.62
CA ASP G 21 27.04 -50.97 -7.81
C ASP G 21 26.18 -49.84 -8.36
N ASP G 22 25.14 -50.21 -9.10
CA ASP G 22 24.30 -49.29 -9.86
C ASP G 22 23.78 -48.13 -9.04
N CYS G 23 23.31 -48.42 -7.84
CA CYS G 23 22.66 -47.41 -7.01
C CYS G 23 23.67 -46.38 -6.55
N ALA G 24 24.76 -46.82 -5.91
CA ALA G 24 25.82 -45.94 -5.46
C ALA G 24 26.23 -45.01 -6.59
N TYR G 25 26.48 -45.61 -7.76
CA TYR G 25 26.99 -44.91 -8.93
C TYR G 25 26.06 -43.77 -9.36
N GLN G 26 24.78 -44.07 -9.54
CA GLN G 26 23.78 -43.09 -9.93
C GLN G 26 23.48 -42.03 -8.88
N VAL G 27 23.54 -42.43 -7.60
CA VAL G 27 23.36 -41.48 -6.50
C VAL G 27 24.47 -40.45 -6.57
N LEU G 28 25.67 -40.91 -6.89
CA LEU G 28 26.86 -40.03 -6.97
C LEU G 28 26.76 -39.08 -8.15
N MSE G 29 26.36 -39.61 -9.29
CA MSE G 29 26.36 -38.87 -10.54
C MSE G 29 25.21 -37.91 -10.62
O MSE G 29 25.26 -36.92 -11.33
CB MSE G 29 26.35 -39.85 -11.72
CG MSE G 29 27.66 -40.61 -11.92
SE MSE G 29 29.12 -39.56 -11.76
CE MSE G 29 30.43 -40.56 -12.40
N ALA G 30 24.13 -38.20 -9.88
CA ALA G 30 22.99 -37.29 -9.82
C ALA G 30 23.44 -35.87 -9.49
N PHE G 31 24.44 -35.74 -8.62
CA PHE G 31 24.92 -34.41 -8.24
C PHE G 31 25.67 -33.66 -9.34
N ILE G 32 26.06 -34.37 -10.41
CA ILE G 32 26.68 -33.73 -11.58
C ILE G 32 25.63 -33.39 -12.62
N ASN G 33 25.58 -32.11 -13.00
CA ASN G 33 24.51 -31.60 -13.85
C ASN G 33 24.79 -31.70 -15.36
N GLU G 34 23.86 -31.17 -16.16
CA GLU G 34 23.93 -31.25 -17.62
C GLU G 34 25.25 -30.69 -18.19
N ASN G 35 25.79 -29.64 -17.57
CA ASN G 35 27.03 -29.01 -18.02
C ASN G 35 28.32 -29.50 -17.33
N GLY G 36 28.21 -30.58 -16.56
CA GLY G 36 29.37 -31.15 -15.87
C GLY G 36 29.63 -30.57 -14.49
N GLU G 37 28.82 -29.59 -14.11
CA GLU G 37 28.99 -28.87 -12.85
C GLU G 37 28.30 -29.60 -11.70
N ALA G 38 28.96 -29.63 -10.54
CA ALA G 38 28.36 -30.17 -9.32
C ALA G 38 27.22 -29.26 -8.87
N GLN G 39 26.16 -29.88 -8.35
CA GLN G 39 24.96 -29.14 -7.95
C GLN G 39 24.46 -29.61 -6.58
N MSE G 40 23.58 -28.81 -6.00
CA MSE G 40 22.88 -29.10 -4.76
C MSE G 40 21.60 -29.89 -5.01
O MSE G 40 20.91 -29.65 -6.01
CB MSE G 40 22.57 -27.76 -4.08
CG MSE G 40 21.33 -27.66 -3.20
SE MSE G 40 20.96 -25.89 -2.96
CE MSE G 40 22.59 -25.31 -2.40
N LEU G 41 21.27 -30.82 -4.14
CA LEU G 41 20.04 -31.59 -4.26
C LEU G 41 19.48 -31.97 -2.87
N ASN G 42 18.16 -31.89 -2.71
CA ASN G 42 17.53 -32.53 -1.56
C ASN G 42 17.37 -34.04 -1.83
N LYS G 43 17.14 -34.82 -0.78
CA LYS G 43 16.93 -36.29 -0.92
C LYS G 43 15.88 -36.70 -1.94
N THR G 44 14.78 -35.96 -2.01
CA THR G 44 13.67 -36.27 -2.92
C THR G 44 14.07 -36.11 -4.39
N ALA G 45 14.79 -35.03 -4.69
CA ALA G 45 15.32 -34.78 -6.02
C ALA G 45 16.10 -36.00 -6.52
N VAL G 46 17.01 -36.48 -5.68
CA VAL G 46 17.86 -37.61 -6.05
C VAL G 46 17.01 -38.84 -6.37
N ALA G 47 16.09 -39.20 -5.48
CA ALA G 47 15.24 -40.37 -5.68
C ALA G 47 14.36 -40.25 -6.92
N GLU G 48 13.95 -39.02 -7.24
CA GLU G 48 13.13 -38.75 -8.42
C GLU G 48 13.96 -38.87 -9.69
N MSE G 49 15.20 -38.37 -9.61
CA MSE G 49 16.16 -38.35 -10.72
C MSE G 49 16.63 -39.74 -11.19
O MSE G 49 16.80 -39.98 -12.37
CB MSE G 49 17.39 -37.52 -10.33
CG MSE G 49 17.19 -36.00 -10.38
SE MSE G 49 18.65 -35.09 -9.83
CE MSE G 49 19.81 -35.41 -11.16
N ILE G 50 16.86 -40.65 -10.25
CA ILE G 50 17.29 -41.99 -10.62
C ILE G 50 16.14 -42.97 -10.42
N GLN G 51 16.09 -44.02 -11.24
CA GLN G 51 14.94 -44.91 -11.10
C GLN G 51 15.07 -46.06 -10.14
N LEU G 52 15.22 -45.68 -8.88
CA LEU G 52 15.26 -46.59 -7.76
C LEU G 52 14.34 -46.01 -6.67
N SER G 53 13.90 -46.89 -5.78
CA SER G 53 12.94 -46.53 -4.73
C SER G 53 13.52 -45.55 -3.72
N LYS G 54 12.67 -44.76 -3.09
CA LYS G 54 13.11 -43.83 -2.04
C LYS G 54 13.97 -44.51 -0.99
N PRO G 55 13.49 -45.62 -0.37
CA PRO G 55 14.28 -46.30 0.66
C PRO G 55 15.73 -46.59 0.22
N THR G 56 15.90 -47.16 -0.96
CA THR G 56 17.24 -47.43 -1.50
C THR G 56 18.06 -46.15 -1.63
N VAL G 57 17.51 -45.18 -2.35
CA VAL G 57 18.22 -43.95 -2.60
C VAL G 57 18.54 -43.18 -1.32
N PHE G 58 17.58 -43.06 -0.42
CA PHE G 58 17.77 -42.31 0.83
C PHE G 58 18.85 -42.94 1.68
N ALA G 59 18.79 -44.27 1.85
CA ALA G 59 19.79 -44.97 2.67
C ALA G 59 21.19 -44.79 2.11
N THR G 60 21.29 -44.80 0.78
CA THR G 60 22.55 -44.58 0.08
C THR G 60 23.08 -43.17 0.30
N VAL G 61 22.20 -42.18 0.18
CA VAL G 61 22.51 -40.77 0.46
C VAL G 61 23.05 -40.62 1.89
N ASN G 62 22.30 -41.16 2.85
CA ASN G 62 22.73 -41.17 4.26
C ASN G 62 24.11 -41.77 4.45
N SER G 63 24.34 -42.97 3.91
CA SER G 63 25.65 -43.63 4.08
C SER G 63 26.79 -42.84 3.41
N PHE G 64 26.50 -42.27 2.23
CA PHE G 64 27.48 -41.44 1.52
C PHE G 64 27.86 -40.14 2.25
N TYR G 65 26.92 -39.59 3.00
CA TYR G 65 27.26 -38.51 3.93
C TYR G 65 28.10 -39.01 5.11
N CYS G 66 27.81 -40.22 5.60
CA CYS G 66 28.63 -40.82 6.66
C CYS G 66 30.06 -41.01 6.20
N ALA G 67 30.20 -41.58 5.00
CA ALA G 67 31.49 -41.81 4.36
C ALA G 67 32.24 -40.52 4.06
N GLY G 68 31.53 -39.40 4.02
CA GLY G 68 32.14 -38.11 3.74
C GLY G 68 32.22 -37.81 2.26
N TYR G 69 31.42 -38.52 1.47
CA TYR G 69 31.40 -38.32 0.02
C TYR G 69 30.48 -37.19 -0.37
N ILE G 70 29.40 -37.01 0.39
CA ILE G 70 28.52 -35.87 0.19
C ILE G 70 28.41 -35.03 1.47
N ASP G 71 28.17 -33.74 1.32
CA ASP G 71 28.00 -32.85 2.47
C ASP G 71 26.53 -32.59 2.76
N GLU G 72 26.21 -32.32 4.01
CA GLU G 72 24.86 -32.01 4.41
C GLU G 72 24.87 -30.60 4.93
N THR G 73 23.88 -29.82 4.53
CA THR G 73 23.76 -28.49 5.08
C THR G 73 22.29 -28.16 5.32
N ARG G 74 22.02 -27.61 6.50
CA ARG G 74 20.66 -27.28 6.88
C ARG G 74 20.22 -26.05 6.10
N VAL G 75 18.97 -26.10 5.65
CA VAL G 75 18.42 -25.16 4.68
C VAL G 75 16.89 -25.25 4.85
N GLY G 76 16.26 -24.14 5.21
CA GLY G 76 14.88 -24.17 5.72
C GLY G 76 14.92 -24.98 7.02
N ARG G 77 13.97 -25.89 7.20
CA ARG G 77 14.10 -26.90 8.29
C ARG G 77 14.39 -28.28 7.72
N SER G 78 14.86 -28.29 6.49
CA SER G 78 15.38 -29.51 5.89
C SER G 78 16.86 -29.41 5.53
N LYS G 79 17.32 -30.37 4.76
CA LYS G 79 18.73 -30.53 4.48
C LYS G 79 18.98 -30.56 2.98
N ILE G 80 20.18 -30.18 2.58
CA ILE G 80 20.63 -30.37 1.20
C ILE G 80 22.02 -30.96 1.09
N TYR G 81 22.21 -31.67 -0.02
CA TYR G 81 23.41 -32.44 -0.26
C TYR G 81 24.18 -31.93 -1.45
N THR G 82 25.50 -31.83 -1.26
CA THR G 82 26.44 -31.49 -2.32
C THR G 82 27.61 -32.48 -2.19
N LEU G 83 28.32 -32.72 -3.28
CA LEU G 83 29.52 -33.55 -3.19
C LEU G 83 30.56 -32.82 -2.36
N SER G 84 31.24 -33.55 -1.49
CA SER G 84 32.43 -33.02 -0.81
C SER G 84 33.59 -33.00 -1.81
N ASP G 85 34.75 -32.53 -1.37
CA ASP G 85 35.95 -32.55 -2.21
C ASP G 85 36.33 -33.98 -2.55
N LEU G 86 36.10 -34.87 -1.59
CA LEU G 86 36.29 -36.30 -1.79
C LEU G 86 35.33 -36.81 -2.87
N GLY G 87 34.07 -36.37 -2.79
CA GLY G 87 33.03 -36.69 -3.77
C GLY G 87 33.45 -36.29 -5.17
N VAL G 88 33.85 -35.03 -5.33
CA VAL G 88 34.32 -34.52 -6.61
C VAL G 88 35.51 -35.33 -7.16
N GLU G 89 36.44 -35.70 -6.29
CA GLU G 89 37.62 -36.49 -6.71
C GLU G 89 37.25 -37.88 -7.24
N ILE G 90 36.30 -38.53 -6.57
CA ILE G 90 35.72 -39.80 -7.02
C ILE G 90 35.05 -39.67 -8.39
N VAL G 91 34.22 -38.63 -8.55
CA VAL G 91 33.59 -38.33 -9.84
C VAL G 91 34.61 -38.16 -10.98
N GLU G 92 35.77 -37.57 -10.66
CA GLU G 92 36.84 -37.37 -11.63
C GLU G 92 37.42 -38.66 -12.22
N CYS G 93 37.51 -39.71 -11.40
CA CYS G 93 38.03 -40.99 -11.87
C CYS G 93 37.12 -41.56 -12.94
N PHE G 94 35.81 -41.39 -12.74
CA PHE G 94 34.82 -41.84 -13.69
C PHE G 94 34.82 -41.09 -15.01
N LYS G 95 34.87 -39.75 -14.90
CA LYS G 95 35.00 -38.87 -16.07
C LYS G 95 36.19 -39.27 -16.94
N GLN G 96 37.29 -39.65 -16.31
CA GLN G 96 38.51 -40.06 -17.01
C GLN G 96 38.35 -41.38 -17.76
N LYS G 97 37.65 -42.33 -17.14
CA LYS G 97 37.26 -43.58 -17.80
C LYS G 97 36.49 -43.28 -19.09
N ALA G 98 35.44 -42.46 -18.95
CA ALA G 98 34.56 -42.10 -20.06
C ALA G 98 35.16 -41.04 -21.01
N PHE H 6 45.86 -41.78 -1.12
CA PHE H 6 45.36 -40.57 -1.84
C PHE H 6 44.68 -39.55 -0.92
N TYR H 7 43.89 -40.02 0.04
CA TYR H 7 43.08 -39.13 0.86
C TYR H 7 43.06 -39.52 2.34
N THR H 8 43.33 -38.55 3.21
CA THR H 8 43.37 -38.83 4.64
C THR H 8 41.98 -38.67 5.28
N LEU H 9 41.73 -39.49 6.29
CA LEU H 9 40.41 -39.64 6.85
C LEU H 9 40.47 -39.51 8.37
N ASN H 10 39.57 -38.69 8.90
CA ASN H 10 39.44 -38.56 10.34
C ASN H 10 38.37 -39.52 10.85
N ILE H 11 38.77 -40.50 11.65
CA ILE H 11 37.87 -41.57 12.09
C ILE H 11 36.81 -41.08 13.09
N ALA H 12 37.13 -40.00 13.80
CA ALA H 12 36.20 -39.41 14.77
C ALA H 12 34.97 -38.78 14.11
N GLU H 13 35.17 -38.02 13.03
CA GLU H 13 34.06 -37.42 12.27
C GLU H 13 33.11 -38.48 11.74
N ILE H 14 33.67 -39.53 11.14
CA ILE H 14 32.89 -40.64 10.60
C ILE H 14 31.99 -41.23 11.67
N ALA H 15 32.60 -41.69 12.77
CA ALA H 15 31.87 -42.20 13.93
C ALA H 15 30.81 -41.22 14.43
N GLU H 16 31.15 -39.94 14.53
CA GLU H 16 30.18 -38.88 14.81
C GLU H 16 28.98 -38.89 13.85
N ARG H 17 29.25 -39.02 12.55
CA ARG H 17 28.18 -39.05 11.54
C ARG H 17 27.29 -40.29 11.70
N ILE H 18 27.92 -41.45 11.84
CA ILE H 18 27.22 -42.72 11.99
C ILE H 18 26.32 -42.73 13.23
N GLY H 19 26.85 -42.20 14.34
CA GLY H 19 26.11 -42.06 15.59
C GLY H 19 24.84 -41.22 15.49
N ASN H 20 24.76 -40.40 14.44
CA ASN H 20 23.57 -39.57 14.24
C ASN H 20 22.60 -40.16 13.23
N ASP H 21 22.70 -41.47 13.00
CA ASP H 21 21.95 -42.14 11.95
C ASP H 21 21.72 -43.60 12.36
N ASP H 22 20.49 -43.87 12.82
CA ASP H 22 20.12 -45.15 13.42
C ASP H 22 20.49 -46.36 12.58
N CYS H 23 20.24 -46.28 11.28
CA CYS H 23 20.43 -47.42 10.41
C CYS H 23 21.90 -47.74 10.25
N ALA H 24 22.70 -46.73 9.87
CA ALA H 24 24.15 -46.91 9.73
C ALA H 24 24.71 -47.55 10.98
N TYR H 25 24.32 -46.98 12.13
CA TYR H 25 24.83 -47.40 13.44
C TYR H 25 24.57 -48.87 13.71
N GLN H 26 23.33 -49.30 13.57
CA GLN H 26 22.94 -50.69 13.78
C GLN H 26 23.48 -51.66 12.76
N VAL H 27 23.62 -51.22 11.51
CA VAL H 27 24.23 -52.04 10.46
C VAL H 27 25.67 -52.34 10.87
N LEU H 28 26.33 -51.34 11.42
CA LEU H 28 27.74 -51.47 11.83
C LEU H 28 27.89 -52.40 13.02
N MSE H 29 27.01 -52.24 14.00
CA MSE H 29 27.11 -52.95 15.26
C MSE H 29 26.65 -54.39 15.13
O MSE H 29 27.06 -55.24 15.91
CB MSE H 29 26.31 -52.21 16.34
CG MSE H 29 26.94 -50.89 16.78
SE MSE H 29 28.72 -51.01 17.04
CE MSE H 29 29.13 -49.51 17.90
N ALA H 30 25.80 -54.64 14.15
CA ALA H 30 25.36 -56.02 13.88
C ALA H 30 26.54 -56.97 13.76
N PHE H 31 27.64 -56.49 13.16
CA PHE H 31 28.82 -57.34 13.00
C PHE H 31 29.57 -57.66 14.29
N ILE H 32 29.26 -56.92 15.36
CA ILE H 32 29.83 -57.21 16.69
C ILE H 32 28.91 -58.12 17.48
N ASN H 33 29.44 -59.27 17.92
CA ASN H 33 28.64 -60.32 18.52
C ASN H 33 28.46 -60.19 20.04
N GLU H 34 27.80 -61.17 20.65
CA GLU H 34 27.48 -61.18 22.07
C GLU H 34 28.70 -60.99 22.97
N ASN H 35 29.85 -61.55 22.57
CA ASN H 35 31.10 -61.47 23.34
C ASN H 35 32.05 -60.34 22.93
N GLY H 36 31.57 -59.42 22.09
CA GLY H 36 32.37 -58.28 21.65
C GLY H 36 33.23 -58.54 20.41
N GLU H 37 33.16 -59.77 19.91
CA GLU H 37 33.98 -60.21 18.78
C GLU H 37 33.30 -59.89 17.46
N ALA H 38 34.09 -59.43 16.49
CA ALA H 38 33.61 -59.21 15.13
C ALA H 38 33.25 -60.54 14.48
N GLN H 39 32.18 -60.54 13.69
CA GLN H 39 31.68 -61.77 13.06
C GLN H 39 31.34 -61.55 11.61
N MSE H 40 31.18 -62.65 10.88
CA MSE H 40 30.74 -62.69 9.49
C MSE H 40 29.22 -62.70 9.40
O MSE H 40 28.56 -63.33 10.22
CB MSE H 40 31.36 -63.94 8.85
CG MSE H 40 30.60 -64.61 7.72
SE MSE H 40 31.28 -66.29 7.52
CE MSE H 40 33.05 -65.89 7.40
N LEU H 41 28.67 -62.02 8.39
CA LEU H 41 27.22 -62.03 8.18
C LEU H 41 26.89 -61.91 6.69
N ASN H 42 25.90 -62.66 6.22
CA ASN H 42 25.31 -62.37 4.92
C ASN H 42 24.32 -61.19 5.03
N LYS H 43 23.96 -60.57 3.91
CA LYS H 43 23.00 -59.45 3.89
C LYS H 43 21.68 -59.72 4.62
N THR H 44 21.15 -60.94 4.48
CA THR H 44 19.87 -61.32 5.09
C THR H 44 19.94 -61.33 6.61
N ALA H 45 21.02 -61.89 7.14
CA ALA H 45 21.28 -61.92 8.58
C ALA H 45 21.16 -60.51 9.15
N VAL H 46 21.85 -59.55 8.52
CA VAL H 46 21.86 -58.18 9.00
C VAL H 46 20.45 -57.61 9.04
N ALA H 47 19.72 -57.72 7.93
CA ALA H 47 18.35 -57.19 7.85
C ALA H 47 17.42 -57.84 8.85
N GLU H 48 17.65 -59.11 9.15
CA GLU H 48 16.84 -59.85 10.12
C GLU H 48 17.17 -59.41 11.55
N MSE H 49 18.46 -59.17 11.79
CA MSE H 49 19.01 -58.77 13.09
C MSE H 49 18.55 -57.37 13.56
O MSE H 49 18.27 -57.16 14.72
CB MSE H 49 20.54 -58.79 13.05
CG MSE H 49 21.15 -60.19 13.16
SE MSE H 49 22.96 -60.17 13.02
CE MSE H 49 23.42 -59.36 14.57
N ILE H 50 18.48 -56.42 12.64
CA ILE H 50 18.03 -55.08 13.01
C ILE H 50 16.62 -54.84 12.49
N GLN H 51 15.84 -54.02 13.19
CA GLN H 51 14.46 -53.86 12.74
C GLN H 51 14.19 -52.75 11.75
N LEU H 52 14.81 -52.92 10.59
CA LEU H 52 14.63 -52.05 9.45
C LEU H 52 14.42 -52.94 8.22
N SER H 53 13.81 -52.38 7.18
CA SER H 53 13.46 -53.11 5.96
C SER H 53 14.68 -53.57 5.20
N LYS H 54 14.56 -54.65 4.44
CA LYS H 54 15.65 -55.13 3.59
C LYS H 54 16.24 -54.02 2.72
N PRO H 55 15.41 -53.30 1.93
CA PRO H 55 15.95 -52.24 1.07
C PRO H 55 16.88 -51.25 1.81
N THR H 56 16.45 -50.75 2.96
CA THR H 56 17.26 -49.87 3.78
C THR H 56 18.58 -50.54 4.19
N VAL H 57 18.46 -51.69 4.82
CA VAL H 57 19.64 -52.38 5.31
C VAL H 57 20.60 -52.78 4.21
N PHE H 58 20.08 -53.33 3.11
CA PHE H 58 20.93 -53.78 1.99
C PHE H 58 21.69 -52.62 1.37
N ALA H 59 20.98 -51.52 1.11
CA ALA H 59 21.61 -50.34 0.50
C ALA H 59 22.73 -49.78 1.39
N THR H 60 22.49 -49.82 2.69
CA THR H 60 23.47 -49.39 3.70
C THR H 60 24.70 -50.30 3.69
N VAL H 61 24.47 -51.62 3.67
CA VAL H 61 25.54 -52.63 3.55
C VAL H 61 26.39 -52.38 2.31
N ASN H 62 25.72 -52.25 1.17
CA ASN H 62 26.39 -51.91 -0.10
C ASN H 62 27.26 -50.66 0.00
N SER H 63 26.68 -49.57 0.50
CA SER H 63 27.45 -48.31 0.59
C SER H 63 28.64 -48.43 1.56
N PHE H 64 28.42 -49.13 2.67
CA PHE H 64 29.50 -49.38 3.66
C PHE H 64 30.66 -50.22 3.12
N TYR H 65 30.36 -51.13 2.20
CA TYR H 65 31.41 -51.81 1.47
C TYR H 65 32.12 -50.87 0.47
N CYS H 66 31.36 -49.96 -0.14
CA CYS H 66 31.96 -48.95 -1.03
C CYS H 66 32.93 -48.07 -0.26
N ALA H 67 32.47 -47.60 0.90
CA ALA H 67 33.24 -46.76 1.81
C ALA H 67 34.46 -47.48 2.35
N GLY H 68 34.46 -48.81 2.30
CA GLY H 68 35.58 -49.60 2.81
C GLY H 68 35.45 -49.92 4.28
N TYR H 69 34.24 -49.79 4.81
CA TYR H 69 34.00 -50.06 6.23
C TYR H 69 33.75 -51.54 6.47
N ILE H 70 33.14 -52.20 5.50
CA ILE H 70 32.96 -53.65 5.56
C ILE H 70 33.61 -54.32 4.34
N ASP H 71 34.06 -55.56 4.52
CA ASP H 71 34.66 -56.32 3.42
C ASP H 71 33.65 -57.30 2.82
N GLU H 72 33.84 -57.61 1.55
CA GLU H 72 32.98 -58.56 0.88
C GLU H 72 33.85 -59.72 0.46
N THR H 73 33.36 -60.92 0.67
CA THR H 73 34.08 -62.08 0.20
C THR H 73 33.10 -63.10 -0.36
N ARG H 74 33.45 -63.64 -1.53
CA ARG H 74 32.60 -64.61 -2.19
C ARG H 74 32.70 -65.94 -1.45
N VAL H 75 31.55 -66.58 -1.31
CA VAL H 75 31.37 -67.73 -0.44
C VAL H 75 30.11 -68.45 -0.96
N GLY H 76 30.26 -69.70 -1.39
CA GLY H 76 29.23 -70.36 -2.21
C GLY H 76 29.14 -69.57 -3.52
N ARG H 77 27.92 -69.28 -3.98
CA ARG H 77 27.75 -68.28 -5.06
C ARG H 77 27.14 -67.00 -4.54
N SER H 78 27.24 -66.82 -3.23
CA SER H 78 26.87 -65.55 -2.61
C SER H 78 28.06 -64.89 -1.92
N LYS H 79 27.75 -63.88 -1.12
CA LYS H 79 28.76 -63.04 -0.53
C LYS H 79 28.58 -62.97 0.98
N ILE H 80 29.69 -62.68 1.67
CA ILE H 80 29.62 -62.38 3.10
C ILE H 80 30.43 -61.16 3.49
N TYR H 81 29.95 -60.54 4.57
CA TYR H 81 30.47 -59.27 5.03
C TYR H 81 31.10 -59.38 6.40
N THR H 82 32.26 -58.75 6.53
CA THR H 82 32.98 -58.62 7.80
C THR H 82 33.43 -57.16 7.88
N LEU H 83 33.65 -56.65 9.09
CA LEU H 83 34.20 -55.31 9.23
C LEU H 83 35.64 -55.32 8.71
N SER H 84 36.02 -54.29 7.97
CA SER H 84 37.42 -54.07 7.63
C SER H 84 38.15 -53.55 8.87
N ASP H 85 39.46 -53.31 8.75
CA ASP H 85 40.23 -52.72 9.85
C ASP H 85 39.71 -51.33 10.17
N LEU H 86 39.27 -50.63 9.12
CA LEU H 86 38.64 -49.34 9.25
C LEU H 86 37.32 -49.48 10.05
N GLY H 87 36.55 -50.51 9.71
CA GLY H 87 35.29 -50.84 10.40
C GLY H 87 35.53 -51.06 11.88
N VAL H 88 36.47 -51.93 12.20
CA VAL H 88 36.83 -52.20 13.60
C VAL H 88 37.25 -50.93 14.35
N GLU H 89 38.03 -50.06 13.70
CA GLU H 89 38.48 -48.81 14.33
C GLU H 89 37.32 -47.85 14.66
N ILE H 90 36.35 -47.75 13.75
CA ILE H 90 35.11 -47.01 13.97
C ILE H 90 34.30 -47.57 15.15
N VAL H 91 34.13 -48.89 15.18
CA VAL H 91 33.48 -49.57 16.31
C VAL H 91 34.14 -49.26 17.66
N GLU H 92 35.47 -49.13 17.66
CA GLU H 92 36.23 -48.80 18.87
C GLU H 92 35.89 -47.44 19.48
N CYS H 93 35.60 -46.45 18.64
CA CYS H 93 35.23 -45.12 19.13
C CYS H 93 33.95 -45.19 19.92
N PHE H 94 33.01 -46.01 19.43
CA PHE H 94 31.74 -46.21 20.08
C PHE H 94 31.84 -46.94 21.41
N LYS H 95 32.59 -48.03 21.42
CA LYS H 95 32.89 -48.79 22.62
C LYS H 95 33.46 -47.89 23.74
N GLN H 96 34.30 -46.94 23.36
CA GLN H 96 34.92 -46.00 24.30
C GLN H 96 33.92 -45.02 24.89
N LYS H 97 32.99 -44.54 24.07
CA LYS H 97 31.87 -43.73 24.52
C LYS H 97 31.11 -44.47 25.62
N ALA H 98 30.70 -45.71 25.30
CA ALA H 98 29.90 -46.55 26.19
C ALA H 98 30.73 -47.19 27.32
N PHE I 6 39.87 -84.17 26.77
CA PHE I 6 39.38 -85.53 27.14
C PHE I 6 40.20 -86.66 26.53
N TYR I 7 40.59 -86.52 25.26
CA TYR I 7 41.24 -87.61 24.54
C TYR I 7 42.41 -87.14 23.67
N THR I 8 43.56 -87.79 23.82
CA THR I 8 44.76 -87.41 23.06
C THR I 8 44.80 -88.10 21.71
N LEU I 9 45.36 -87.41 20.73
CA LEU I 9 45.28 -87.82 19.34
C LEU I 9 46.67 -87.78 18.72
N ASN I 10 47.02 -88.86 18.04
CA ASN I 10 48.26 -88.91 17.29
C ASN I 10 48.01 -88.49 15.84
N ILE I 11 48.59 -87.36 15.44
CA ILE I 11 48.32 -86.78 14.12
C ILE I 11 48.92 -87.59 12.97
N ALA I 12 49.96 -88.36 13.27
CA ALA I 12 50.62 -89.21 12.27
C ALA I 12 49.73 -90.38 11.82
N GLU I 13 49.08 -91.06 12.77
CA GLU I 13 48.15 -92.14 12.45
C GLU I 13 47.01 -91.67 11.56
N ILE I 14 46.40 -90.54 11.93
CA ILE I 14 45.32 -89.95 11.17
C ILE I 14 45.74 -89.73 9.71
N ALA I 15 46.80 -88.95 9.53
CA ALA I 15 47.39 -88.72 8.21
C ALA I 15 47.68 -90.03 7.45
N GLU I 16 48.26 -91.01 8.15
CA GLU I 16 48.43 -92.36 7.60
C GLU I 16 47.10 -92.97 7.09
N ARG I 17 46.04 -92.84 7.88
CA ARG I 17 44.73 -93.37 7.49
C ARG I 17 44.18 -92.66 6.26
N ILE I 18 44.20 -91.33 6.29
CA ILE I 18 43.70 -90.50 5.20
C ILE I 18 44.43 -90.78 3.89
N GLY I 19 45.76 -90.93 3.96
CA GLY I 19 46.60 -91.27 2.82
C GLY I 19 46.25 -92.59 2.16
N ASN I 20 45.53 -93.45 2.88
CA ASN I 20 45.13 -94.74 2.32
C ASN I 20 43.70 -94.73 1.81
N ASP I 21 43.16 -93.54 1.53
CA ASP I 21 41.75 -93.36 1.20
C ASP I 21 41.62 -92.13 0.30
N ASP I 22 41.45 -92.40 -1.00
CA ASP I 22 41.47 -91.37 -2.04
C ASP I 22 40.54 -90.21 -1.78
N CYS I 23 39.33 -90.51 -1.34
CA CYS I 23 38.32 -89.48 -1.17
C CYS I 23 38.67 -88.56 -0.02
N ALA I 24 38.94 -89.12 1.16
CA ALA I 24 39.33 -88.34 2.33
C ALA I 24 40.46 -87.41 1.95
N TYR I 25 41.48 -87.98 1.29
CA TYR I 25 42.70 -87.27 0.93
C TYR I 25 42.43 -86.06 0.07
N GLN I 26 41.69 -86.24 -1.02
CA GLN I 26 41.33 -85.16 -1.92
C GLN I 26 40.37 -84.13 -1.34
N VAL I 27 39.46 -84.58 -0.48
CA VAL I 27 38.56 -83.67 0.22
C VAL I 27 39.39 -82.72 1.08
N LEU I 28 40.43 -83.26 1.70
CA LEU I 28 41.31 -82.49 2.58
C LEU I 28 42.14 -81.48 1.82
N MSE I 29 42.69 -81.93 0.69
CA MSE I 29 43.64 -81.14 -0.08
C MSE I 29 42.93 -80.09 -0.90
O MSE I 29 43.52 -79.07 -1.24
CB MSE I 29 44.48 -82.07 -0.97
CG MSE I 29 45.48 -82.93 -0.21
SE MSE I 29 46.37 -82.01 1.06
CE MSE I 29 47.70 -83.09 1.50
N ALA I 30 41.66 -80.31 -1.20
CA ALA I 30 40.86 -79.32 -1.92
C ALA I 30 40.96 -77.96 -1.25
N PHE I 31 41.00 -77.94 0.09
CA PHE I 31 41.08 -76.68 0.81
C PHE I 31 42.42 -75.95 0.68
N ILE I 32 43.44 -76.65 0.19
CA ILE I 32 44.74 -76.01 -0.09
C ILE I 32 44.82 -75.54 -1.53
N ASN I 33 45.09 -74.25 -1.71
CA ASN I 33 45.00 -73.61 -3.02
C ASN I 33 46.30 -73.68 -3.86
N GLU I 34 46.28 -73.05 -5.03
CA GLU I 34 47.40 -73.06 -5.96
C GLU I 34 48.73 -72.60 -5.33
N ASN I 35 48.67 -71.63 -4.42
CA ASN I 35 49.86 -71.08 -3.76
C ASN I 35 50.20 -71.70 -2.40
N GLY I 36 49.53 -72.80 -2.05
CA GLY I 36 49.79 -73.50 -0.79
C GLY I 36 48.97 -72.99 0.38
N GLU I 37 48.16 -71.97 0.14
CA GLU I 37 47.36 -71.31 1.17
C GLU I 37 46.04 -72.02 1.38
N ALA I 38 45.63 -72.16 2.63
CA ALA I 38 44.31 -72.69 2.98
C ALA I 38 43.23 -71.72 2.53
N GLN I 39 42.11 -72.27 2.04
CA GLN I 39 41.02 -71.44 1.51
C GLN I 39 39.67 -71.93 2.01
N MSE I 40 38.66 -71.08 1.83
CA MSE I 40 37.27 -71.36 2.14
C MSE I 40 36.57 -72.03 0.95
O MSE I 40 36.86 -71.71 -0.20
CB MSE I 40 36.59 -70.03 2.48
CG MSE I 40 35.11 -69.86 2.18
SE MSE I 40 34.74 -68.08 2.23
CE MSE I 40 35.43 -67.66 3.85
N LEU I 41 35.68 -72.97 1.23
CA LEU I 41 34.91 -73.62 0.16
C LEU I 41 33.52 -74.02 0.65
N ASN I 42 32.50 -73.84 -0.19
CA ASN I 42 31.22 -74.47 0.06
C ASN I 42 31.26 -75.95 -0.37
N LYS I 43 30.31 -76.76 0.10
CA LYS I 43 30.23 -78.18 -0.26
C LYS I 43 30.27 -78.47 -1.77
N THR I 44 29.60 -77.63 -2.56
CA THR I 44 29.51 -77.81 -4.01
C THR I 44 30.87 -77.63 -4.70
N ALA I 45 31.61 -76.60 -4.28
CA ALA I 45 32.94 -76.34 -4.77
C ALA I 45 33.81 -77.59 -4.63
N VAL I 46 33.80 -78.20 -3.44
CA VAL I 46 34.61 -79.38 -3.17
C VAL I 46 34.25 -80.51 -4.12
N ALA I 47 32.95 -80.83 -4.22
CA ALA I 47 32.49 -81.92 -5.08
C ALA I 47 32.82 -81.67 -6.55
N GLU I 48 32.82 -80.40 -6.96
CA GLU I 48 33.13 -80.02 -8.34
C GLU I 48 34.63 -80.15 -8.59
N MSE I 49 35.42 -79.76 -7.59
CA MSE I 49 36.89 -79.77 -7.63
C MSE I 49 37.51 -81.17 -7.73
O MSE I 49 38.49 -81.39 -8.42
CB MSE I 49 37.45 -79.07 -6.39
CG MSE I 49 37.40 -77.54 -6.44
SE MSE I 49 38.00 -76.77 -4.92
CE MSE I 49 39.76 -77.14 -5.00
N ILE I 50 36.96 -82.13 -7.00
CA ILE I 50 37.49 -83.50 -7.06
C ILE I 50 36.54 -84.39 -7.85
N GLN I 51 37.07 -85.40 -8.53
CA GLN I 51 36.18 -86.20 -9.36
C GLN I 51 35.52 -87.39 -8.72
N LEU I 52 34.71 -87.07 -7.73
CA LEU I 52 33.88 -88.03 -7.02
C LEU I 52 32.47 -87.43 -6.91
N SER I 53 31.49 -88.30 -6.71
CA SER I 53 30.08 -87.90 -6.68
C SER I 53 29.76 -87.02 -5.47
N LYS I 54 28.74 -86.18 -5.62
CA LYS I 54 28.29 -85.34 -4.50
C LYS I 54 28.07 -86.14 -3.20
N PRO I 55 27.26 -87.21 -3.26
CA PRO I 55 27.03 -88.00 -2.02
C PRO I 55 28.32 -88.39 -1.28
N THR I 56 29.29 -88.93 -2.01
CA THR I 56 30.58 -89.29 -1.42
C THR I 56 31.27 -88.07 -0.79
N VAL I 57 31.46 -87.03 -1.59
CA VAL I 57 32.15 -85.86 -1.13
C VAL I 57 31.45 -85.17 0.03
N PHE I 58 30.13 -85.00 -0.06
CA PHE I 58 29.36 -84.33 0.99
C PHE I 58 29.44 -85.07 2.31
N ALA I 59 29.25 -86.39 2.25
CA ALA I 59 29.30 -87.21 3.47
C ALA I 59 30.67 -87.14 4.15
N THR I 60 31.71 -87.08 3.32
CA THR I 60 33.08 -86.95 3.78
C THR I 60 33.31 -85.60 4.45
N VAL I 61 32.83 -84.53 3.80
CA VAL I 61 32.87 -83.16 4.36
C VAL I 61 32.18 -83.11 5.72
N ASN I 62 30.96 -83.62 5.78
CA ASN I 62 30.21 -83.73 7.04
C ASN I 62 30.98 -84.45 8.13
N SER I 63 31.51 -85.64 7.82
CA SER I 63 32.25 -86.41 8.85
C SER I 63 33.53 -85.69 9.29
N PHE I 64 34.23 -85.06 8.33
CA PHE I 64 35.43 -84.28 8.64
C PHE I 64 35.18 -83.05 9.53
N TYR I 65 34.01 -82.46 9.41
CA TYR I 65 33.58 -81.45 10.36
C TYR I 65 33.27 -82.06 11.74
N CYS I 66 32.68 -83.27 11.75
CA CYS I 66 32.43 -83.97 13.02
C CYS I 66 33.74 -84.26 13.74
N ALA I 67 34.70 -84.79 12.98
CA ALA I 67 36.03 -85.10 13.47
C ALA I 67 36.79 -83.87 13.93
N GLY I 68 36.37 -82.69 13.49
CA GLY I 68 37.02 -81.44 13.86
C GLY I 68 38.17 -81.09 12.94
N TYR I 69 38.20 -81.70 11.76
CA TYR I 69 39.26 -81.45 10.79
C TYR I 69 38.96 -80.22 9.95
N ILE I 70 37.68 -79.99 9.69
CA ILE I 70 37.26 -78.77 9.01
C ILE I 70 36.26 -77.99 9.86
N ASP I 71 36.25 -76.66 9.71
CA ASP I 71 35.30 -75.81 10.44
C ASP I 71 34.11 -75.45 9.56
N GLU I 72 32.98 -75.20 10.22
CA GLU I 72 31.78 -74.79 9.52
C GLU I 72 31.43 -73.41 9.99
N THR I 73 31.08 -72.53 9.07
CA THR I 73 30.62 -71.22 9.46
C THR I 73 29.46 -70.79 8.59
N ARG I 74 28.43 -70.26 9.22
CA ARG I 74 27.24 -69.84 8.51
C ARG I 74 27.55 -68.54 7.78
N VAL I 75 27.04 -68.48 6.55
CA VAL I 75 27.40 -67.46 5.59
C VAL I 75 26.25 -67.43 4.57
N GLY I 76 25.58 -66.27 4.44
CA GLY I 76 24.27 -66.23 3.78
C GLY I 76 23.31 -67.08 4.61
N ARG I 77 22.52 -67.92 3.96
CA ARG I 77 21.78 -68.98 4.69
C ARG I 77 22.35 -70.35 4.40
N SER I 78 23.59 -70.35 3.92
CA SER I 78 24.34 -71.58 3.78
C SER I 78 25.61 -71.59 4.63
N LYS I 79 26.48 -72.55 4.36
CA LYS I 79 27.62 -72.81 5.19
C LYS I 79 28.89 -72.82 4.36
N ILE I 80 30.01 -72.51 5.02
CA ILE I 80 31.32 -72.69 4.39
C ILE I 80 32.32 -73.39 5.28
N TYR I 81 33.26 -74.05 4.61
CA TYR I 81 34.22 -74.92 5.26
C TYR I 81 35.64 -74.42 5.07
N THR I 82 36.39 -74.45 6.17
CA THR I 82 37.82 -74.15 6.18
C THR I 82 38.48 -75.23 7.03
N LEU I 83 39.76 -75.49 6.80
CA LEU I 83 40.48 -76.41 7.66
C LEU I 83 40.59 -75.80 9.05
N SER I 84 40.39 -76.62 10.08
CA SER I 84 40.72 -76.22 11.45
C SER I 84 42.23 -76.25 11.63
N ASP I 85 42.70 -75.90 12.81
CA ASP I 85 44.13 -75.98 13.13
C ASP I 85 44.60 -77.42 13.05
N LEU I 86 43.71 -78.33 13.45
CA LEU I 86 43.94 -79.76 13.33
C LEU I 86 44.08 -80.14 11.85
N GLY I 87 43.19 -79.60 11.02
CA GLY I 87 43.21 -79.81 9.57
C GLY I 87 44.52 -79.38 8.97
N VAL I 88 44.94 -78.15 9.27
CA VAL I 88 46.22 -77.63 8.79
C VAL I 88 47.41 -78.51 9.23
N GLU I 89 47.39 -79.00 10.47
CA GLU I 89 48.47 -79.86 10.97
C GLU I 89 48.57 -81.19 10.22
N ILE I 90 47.42 -81.79 9.91
CA ILE I 90 47.33 -82.99 9.08
C ILE I 90 47.89 -82.74 7.67
N VAL I 91 47.48 -81.64 7.05
CA VAL I 91 48.01 -81.23 5.74
C VAL I 91 49.54 -81.10 5.74
N GLU I 92 50.10 -80.62 6.85
CA GLU I 92 51.56 -80.47 7.00
C GLU I 92 52.34 -81.78 6.91
N CYS I 93 51.77 -82.87 7.44
CA CYS I 93 52.43 -84.18 7.39
C CYS I 93 52.59 -84.61 5.95
N PHE I 94 51.56 -84.34 5.15
CA PHE I 94 51.58 -84.68 3.73
C PHE I 94 52.58 -83.86 2.91
N LYS I 95 52.57 -82.55 3.14
CA LYS I 95 53.54 -81.64 2.53
C LYS I 95 54.98 -82.08 2.77
N GLN I 96 55.24 -82.59 3.98
CA GLN I 96 56.58 -83.07 4.35
C GLN I 96 56.98 -84.34 3.62
N LYS I 97 56.02 -85.26 3.42
CA LYS I 97 56.21 -86.44 2.60
C LYS I 97 56.66 -86.02 1.20
N ALA I 98 55.87 -85.13 0.59
CA ALA I 98 56.11 -84.66 -0.78
C ALA I 98 57.23 -83.61 -0.88
#